data_8Z1E
#
_entry.id   8Z1E
#
_cell.length_a   1.00
_cell.length_b   1.00
_cell.length_c   1.00
_cell.angle_alpha   90.00
_cell.angle_beta   90.00
_cell.angle_gamma   90.00
#
_symmetry.space_group_name_H-M   'P 1'
#
_entity_poly.entity_id   1
_entity_poly.type   'polypeptide(L)'
_entity_poly.pdbx_seq_one_letter_code
;SADRAASDLLIGMFGSVSLVNLLTIIGCLWVLRVTRPPVSVMIFTWNLVLSQFFSILATMLSKGIMLRGALNLSLCRLVL
FVDDVGLYSTALFFLFLILDRLSAISYGRDLWHHETRENAGVALYAVAFAWVLSIVAAVPTAATGSLDYRWLGCQIPIQY
AAVDLTIKMWFLLGAPMIAVLANVVELAYSDRRDHVWSYVGRVCTFYVTCLMLFVPYYCFRVLRGVLQPASAAGTGFGIM
DYVELATRTLLTMRLGILPLFIIAFFSREPTKDLDDSFDYLVERC
;
_entity_poly.pdbx_strand_id   A,B,R
#
# COMPACT_ATOMS: atom_id res chain seq x y z
N SER A 1 33.48 -27.07 8.81
CA SER A 1 32.70 -27.17 7.58
C SER A 1 31.70 -28.32 7.67
N ALA A 2 31.76 -29.07 8.77
CA ALA A 2 30.81 -30.15 8.98
C ALA A 2 29.38 -29.64 9.12
N ASP A 3 29.19 -28.52 9.81
CA ASP A 3 27.86 -27.95 9.96
C ASP A 3 27.30 -27.50 8.61
N ARG A 4 28.15 -26.98 7.74
CA ARG A 4 27.69 -26.55 6.42
C ARG A 4 27.16 -27.72 5.61
N ALA A 5 27.83 -28.87 5.68
CA ALA A 5 27.34 -30.05 4.99
C ALA A 5 25.99 -30.50 5.54
N ALA A 6 25.81 -30.43 6.86
CA ALA A 6 24.52 -30.76 7.45
C ALA A 6 23.46 -29.75 7.04
N SER A 7 23.85 -28.48 6.87
CA SER A 7 22.90 -27.47 6.43
C SER A 7 22.37 -27.78 5.03
N ASP A 8 23.25 -28.23 4.13
CA ASP A 8 22.81 -28.61 2.79
C ASP A 8 21.85 -29.79 2.84
N LEU A 9 22.11 -30.76 3.71
CA LEU A 9 21.24 -31.92 3.83
C LEU A 9 19.85 -31.53 4.32
N LEU A 10 19.79 -30.63 5.30
CA LEU A 10 18.50 -30.20 5.84
C LEU A 10 17.69 -29.44 4.78
N ILE A 11 18.34 -28.53 4.06
CA ILE A 11 17.65 -27.77 3.02
C ILE A 11 17.30 -28.69 1.84
N GLY A 12 18.23 -29.56 1.46
CA GLY A 12 17.95 -30.49 0.37
C GLY A 12 16.81 -31.43 0.68
N MET A 13 16.75 -31.95 1.90
CA MET A 13 15.64 -32.81 2.30
C MET A 13 14.32 -32.04 2.30
N PHE A 14 14.33 -30.80 2.80
CA PHE A 14 13.13 -29.99 2.79
C PHE A 14 12.65 -29.70 1.38
N GLY A 15 13.59 -29.41 0.47
CA GLY A 15 13.21 -29.15 -0.91
C GLY A 15 12.65 -30.38 -1.61
N SER A 16 13.27 -31.55 -1.37
CA SER A 16 12.75 -32.78 -1.95
C SER A 16 11.38 -33.12 -1.38
N VAL A 17 11.19 -32.90 -0.08
CA VAL A 17 9.87 -33.09 0.53
C VAL A 17 8.88 -32.10 -0.07
N SER A 18 9.29 -30.83 -0.22
CA SER A 18 8.40 -29.82 -0.79
C SER A 18 8.07 -30.14 -2.23
N LEU A 19 9.05 -30.63 -3.00
CA LEU A 19 8.80 -31.00 -4.39
C LEU A 19 7.78 -32.12 -4.49
N VAL A 20 7.87 -33.11 -3.60
CA VAL A 20 6.89 -34.19 -3.58
C VAL A 20 5.51 -33.65 -3.25
N ASN A 21 5.43 -32.74 -2.27
CA ASN A 21 4.15 -32.14 -1.91
C ASN A 21 3.54 -31.38 -3.08
N LEU A 22 4.35 -30.62 -3.81
CA LEU A 22 3.83 -29.87 -4.95
C LEU A 22 3.29 -30.80 -6.02
N LEU A 23 3.98 -31.91 -6.28
CA LEU A 23 3.49 -32.88 -7.26
C LEU A 23 2.17 -33.49 -6.81
N THR A 24 2.00 -33.70 -5.51
CA THR A 24 0.73 -34.18 -4.98
C THR A 24 -0.39 -33.16 -5.24
N ILE A 25 -0.08 -31.88 -5.04
CA ILE A 25 -1.08 -30.83 -5.31
C ILE A 25 -1.43 -30.80 -6.79
N ILE A 26 -0.43 -30.95 -7.67
CA ILE A 26 -0.69 -30.98 -9.10
C ILE A 26 -1.60 -32.15 -9.44
N GLY A 27 -1.30 -33.33 -8.89
CA GLY A 27 -2.19 -34.47 -9.09
C GLY A 27 -3.56 -34.28 -8.47
N CYS A 28 -3.60 -33.70 -7.27
CA CYS A 28 -4.87 -33.46 -6.61
C CYS A 28 -5.72 -32.44 -7.38
N LEU A 29 -5.09 -31.41 -7.91
CA LEU A 29 -5.82 -30.44 -8.74
C LEU A 29 -6.31 -31.09 -10.02
N TRP A 30 -5.54 -32.03 -10.58
CA TRP A 30 -5.95 -32.70 -11.80
C TRP A 30 -7.20 -33.55 -11.58
N VAL A 31 -7.26 -34.27 -10.47
CA VAL A 31 -8.43 -35.12 -10.18
C VAL A 31 -9.61 -34.32 -9.68
N LEU A 32 -9.42 -33.03 -9.35
CA LEU A 32 -10.52 -32.18 -8.91
C LEU A 32 -11.27 -31.56 -10.07
N ARG A 33 -10.85 -31.81 -11.32
CA ARG A 33 -11.53 -31.24 -12.47
C ARG A 33 -12.87 -31.90 -12.74
N VAL A 34 -13.11 -33.09 -12.19
CA VAL A 34 -14.40 -33.76 -12.39
C VAL A 34 -15.50 -32.98 -11.69
N THR A 35 -15.23 -32.48 -10.49
CA THR A 35 -16.10 -31.49 -9.84
C THR A 35 -15.76 -30.15 -10.47
N ARG A 36 -16.24 -29.96 -11.70
CA ARG A 36 -15.85 -28.88 -12.60
C ARG A 36 -15.91 -27.52 -11.92
N PRO A 37 -14.76 -26.91 -11.65
CA PRO A 37 -14.74 -25.62 -10.98
C PRO A 37 -14.80 -24.49 -11.99
N PRO A 38 -15.03 -23.25 -11.53
CA PRO A 38 -15.01 -22.12 -12.46
C PRO A 38 -13.61 -21.91 -13.05
N VAL A 39 -13.60 -21.34 -14.25
CA VAL A 39 -12.33 -21.05 -14.92
C VAL A 39 -11.49 -20.08 -14.10
N SER A 40 -12.13 -19.19 -13.35
CA SER A 40 -11.41 -18.24 -12.52
C SER A 40 -10.57 -18.98 -11.47
N VAL A 41 -11.12 -20.01 -10.84
CA VAL A 41 -10.37 -20.78 -9.87
C VAL A 41 -9.23 -21.53 -10.56
N MET A 42 -9.50 -22.10 -11.74
CA MET A 42 -8.47 -22.86 -12.45
C MET A 42 -7.29 -21.97 -12.84
N ILE A 43 -7.57 -20.75 -13.27
CA ILE A 43 -6.50 -19.83 -13.68
C ILE A 43 -5.62 -19.48 -12.48
N PHE A 44 -6.24 -19.18 -11.33
CA PHE A 44 -5.48 -18.79 -10.16
C PHE A 44 -4.68 -19.95 -9.59
N THR A 45 -5.32 -21.12 -9.47
CA THR A 45 -4.65 -22.27 -8.85
C THR A 45 -3.48 -22.76 -9.68
N TRP A 46 -3.65 -22.82 -11.01
CA TRP A 46 -2.58 -23.32 -11.86
C TRP A 46 -1.42 -22.33 -11.91
N ASN A 47 -1.71 -21.03 -11.87
CA ASN A 47 -0.63 -20.05 -11.81
C ASN A 47 0.09 -20.10 -10.47
N LEU A 48 -0.62 -20.45 -9.39
CA LEU A 48 0.02 -20.67 -8.11
C LEU A 48 1.00 -21.83 -8.17
N VAL A 49 0.61 -22.92 -8.83
CA VAL A 49 1.49 -24.08 -8.96
C VAL A 49 2.76 -23.71 -9.72
N LEU A 50 2.63 -22.93 -10.79
CA LEU A 50 3.81 -22.46 -11.52
C LEU A 50 4.66 -21.56 -10.64
N SER A 51 4.03 -20.69 -9.84
CA SER A 51 4.78 -19.81 -8.96
C SER A 51 5.53 -20.58 -7.89
N GLN A 52 4.90 -21.62 -7.31
CA GLN A 52 5.56 -22.41 -6.29
C GLN A 52 6.75 -23.17 -6.87
N PHE A 53 6.64 -23.64 -8.11
CA PHE A 53 7.73 -24.38 -8.73
C PHE A 53 8.95 -23.48 -8.93
N PHE A 54 8.73 -22.22 -9.31
CA PHE A 54 9.84 -21.29 -9.45
C PHE A 54 10.53 -21.04 -8.11
N SER A 55 9.73 -20.86 -7.05
CA SER A 55 10.31 -20.61 -5.73
C SER A 55 11.09 -21.82 -5.23
N ILE A 56 10.56 -23.03 -5.44
CA ILE A 56 11.25 -24.24 -5.00
C ILE A 56 12.55 -24.41 -5.77
N LEU A 57 12.50 -24.21 -7.08
CA LEU A 57 13.70 -24.40 -7.90
C LEU A 57 14.78 -23.38 -7.56
N ALA A 58 14.39 -22.12 -7.34
CA ALA A 58 15.36 -21.08 -7.07
C ALA A 58 15.92 -21.18 -5.66
N THR A 59 15.12 -21.66 -4.71
CA THR A 59 15.59 -21.82 -3.34
C THR A 59 16.72 -22.83 -3.25
N MET A 60 16.61 -23.94 -4.00
CA MET A 60 17.67 -24.93 -4.00
C MET A 60 18.97 -24.34 -4.56
N LEU A 61 18.87 -23.55 -5.64
CA LEU A 61 20.05 -22.90 -6.18
C LEU A 61 20.56 -21.80 -5.24
N SER A 62 19.65 -21.14 -4.52
CA SER A 62 20.06 -20.11 -3.58
C SER A 62 20.90 -20.68 -2.44
N LYS A 63 20.52 -21.86 -1.94
CA LYS A 63 21.29 -22.51 -0.88
C LYS A 63 22.55 -23.18 -1.41
N GLY A 64 22.75 -23.23 -2.72
CA GLY A 64 23.91 -23.88 -3.30
C GLY A 64 23.96 -25.38 -3.08
N ILE A 65 22.83 -26.07 -3.28
CA ILE A 65 22.81 -27.51 -3.11
C ILE A 65 23.71 -28.19 -4.13
N MET A 66 23.63 -27.75 -5.39
CA MET A 66 24.42 -28.35 -6.46
C MET A 66 25.25 -27.35 -7.26
N LEU A 67 25.17 -26.05 -6.98
CA LEU A 67 25.89 -25.04 -7.74
C LEU A 67 27.05 -24.43 -6.96
N ARG A 68 27.53 -25.08 -5.91
CA ARG A 68 28.67 -24.57 -5.17
C ARG A 68 29.92 -24.59 -6.04
N GLY A 69 30.72 -23.54 -5.93
CA GLY A 69 31.92 -23.40 -6.73
C GLY A 69 31.71 -22.51 -7.94
N ALA A 70 30.56 -22.64 -8.58
CA ALA A 70 30.21 -21.82 -9.74
C ALA A 70 29.30 -20.65 -9.37
N LEU A 71 28.97 -20.48 -8.10
CA LEU A 71 28.07 -19.42 -7.65
C LEU A 71 28.82 -18.10 -7.64
N ASN A 72 28.74 -17.36 -8.73
CA ASN A 72 29.36 -16.06 -8.86
C ASN A 72 28.33 -14.97 -8.55
N LEU A 73 28.72 -13.72 -8.74
CA LEU A 73 27.79 -12.60 -8.53
C LEU A 73 26.65 -12.65 -9.53
N SER A 74 26.95 -12.96 -10.79
CA SER A 74 25.92 -12.98 -11.83
C SER A 74 24.85 -14.03 -11.52
N LEU A 75 25.27 -15.24 -11.13
CA LEU A 75 24.31 -16.29 -10.84
C LEU A 75 23.56 -16.01 -9.55
N CYS A 76 24.24 -15.45 -8.54
CA CYS A 76 23.58 -15.13 -7.29
C CYS A 76 22.49 -14.07 -7.48
N ARG A 77 22.78 -13.05 -8.29
CA ARG A 77 21.77 -12.04 -8.57
C ARG A 77 20.60 -12.63 -9.36
N LEU A 78 20.89 -13.51 -10.33
CA LEU A 78 19.83 -14.12 -11.11
C LEU A 78 18.96 -15.05 -10.25
N VAL A 79 19.60 -15.83 -9.37
CA VAL A 79 18.85 -16.76 -8.54
C VAL A 79 17.97 -16.01 -7.55
N LEU A 80 18.51 -14.96 -6.92
CA LEU A 80 17.72 -14.17 -5.98
C LEU A 80 16.54 -13.49 -6.67
N PHE A 81 16.70 -13.15 -7.94
CA PHE A 81 15.61 -12.55 -8.69
C PHE A 81 14.47 -13.55 -8.89
N VAL A 82 14.81 -14.78 -9.28
CA VAL A 82 13.79 -15.79 -9.55
C VAL A 82 13.07 -16.18 -8.28
N ASP A 83 13.81 -16.29 -7.17
CA ASP A 83 13.19 -16.70 -5.91
C ASP A 83 12.19 -15.66 -5.42
N ASP A 84 12.53 -14.37 -5.56
CA ASP A 84 11.61 -13.33 -5.12
C ASP A 84 10.43 -13.16 -6.07
N VAL A 85 10.61 -13.52 -7.35
CA VAL A 85 9.49 -13.49 -8.29
C VAL A 85 8.40 -14.46 -7.84
N GLY A 86 8.81 -15.69 -7.49
CA GLY A 86 7.85 -16.63 -6.95
C GLY A 86 7.31 -16.21 -5.59
N LEU A 87 8.16 -15.58 -4.77
CA LEU A 87 7.73 -15.10 -3.47
C LEU A 87 6.67 -14.02 -3.60
N TYR A 88 6.86 -13.09 -4.52
CA TYR A 88 5.88 -12.00 -4.70
C TYR A 88 4.63 -12.49 -5.42
N SER A 89 4.80 -13.37 -6.40
CA SER A 89 3.65 -13.86 -7.16
C SER A 89 2.69 -14.65 -6.27
N THR A 90 3.24 -15.48 -5.37
CA THR A 90 2.40 -16.30 -4.50
C THR A 90 1.52 -15.42 -3.61
N ALA A 91 2.09 -14.34 -3.08
CA ALA A 91 1.31 -13.43 -2.24
C ALA A 91 0.18 -12.79 -3.03
N LEU A 92 0.46 -12.39 -4.27
CA LEU A 92 -0.57 -11.75 -5.08
C LEU A 92 -1.61 -12.76 -5.58
N PHE A 93 -1.16 -13.95 -6.00
CA PHE A 93 -2.10 -14.96 -6.46
C PHE A 93 -3.02 -15.42 -5.33
N PHE A 94 -2.47 -15.60 -4.13
CA PHE A 94 -3.30 -16.00 -3.00
C PHE A 94 -4.28 -14.90 -2.62
N LEU A 95 -3.85 -13.64 -2.70
CA LEU A 95 -4.74 -12.53 -2.37
C LEU A 95 -5.91 -12.46 -3.36
N PHE A 96 -5.63 -12.62 -4.65
CA PHE A 96 -6.69 -12.55 -5.64
C PHE A 96 -7.60 -13.76 -5.57
N LEU A 97 -7.03 -14.95 -5.30
CA LEU A 97 -7.85 -16.14 -5.15
C LEU A 97 -8.79 -16.02 -3.94
N ILE A 98 -8.28 -15.47 -2.84
CA ILE A 98 -9.11 -15.28 -1.65
C ILE A 98 -10.23 -14.29 -1.93
N LEU A 99 -9.88 -13.16 -2.57
CA LEU A 99 -10.89 -12.14 -2.87
C LEU A 99 -11.92 -12.65 -3.86
N ASP A 100 -11.49 -13.41 -4.86
CA ASP A 100 -12.42 -13.97 -5.83
C ASP A 100 -13.39 -14.94 -5.16
N ARG A 101 -12.89 -15.79 -4.27
CA ARG A 101 -13.74 -16.81 -3.65
C ARG A 101 -14.63 -16.19 -2.57
N LEU A 102 -14.13 -15.18 -1.86
CA LEU A 102 -14.94 -14.54 -0.83
C LEU A 102 -16.16 -13.87 -1.45
N SER A 103 -15.97 -13.20 -2.59
CA SER A 103 -17.10 -12.54 -3.25
C SER A 103 -18.03 -13.56 -3.89
N ALA A 104 -17.46 -14.61 -4.49
CA ALA A 104 -18.28 -15.62 -5.16
C ALA A 104 -19.13 -16.40 -4.18
N ILE A 105 -18.55 -16.82 -3.06
CA ILE A 105 -19.28 -17.62 -2.08
C ILE A 105 -20.33 -16.78 -1.37
N SER A 106 -20.00 -15.52 -1.07
CA SER A 106 -20.94 -14.67 -0.34
C SER A 106 -22.21 -14.43 -1.14
N TYR A 107 -22.08 -14.22 -2.44
CA TYR A 107 -23.24 -13.96 -3.29
C TYR A 107 -23.95 -15.23 -3.71
N GLY A 108 -23.46 -16.41 -3.32
CA GLY A 108 -24.09 -17.66 -3.66
C GLY A 108 -23.79 -18.18 -5.05
N ARG A 109 -22.82 -17.60 -5.74
CA ARG A 109 -22.44 -18.01 -7.10
C ARG A 109 -20.97 -18.40 -7.10
N ASP A 110 -20.69 -19.66 -6.77
CA ASP A 110 -19.33 -20.17 -6.72
C ASP A 110 -19.14 -21.45 -7.53
N LEU A 111 -20.17 -21.91 -8.24
CA LEU A 111 -20.08 -23.13 -9.03
C LEU A 111 -19.74 -22.80 -10.49
N TRP A 112 -19.58 -23.84 -11.30
CA TRP A 112 -19.23 -23.63 -12.71
C TRP A 112 -20.30 -22.85 -13.44
N HIS A 113 -21.57 -23.21 -13.25
CA HIS A 113 -22.68 -22.64 -13.99
C HIS A 113 -23.09 -21.27 -13.48
N HIS A 114 -22.40 -20.76 -12.46
CA HIS A 114 -22.68 -19.46 -11.90
C HIS A 114 -21.69 -18.39 -12.33
N GLU A 115 -20.76 -18.71 -13.22
CA GLU A 115 -19.77 -17.77 -13.70
C GLU A 115 -19.98 -17.48 -15.18
N THR A 116 -19.46 -16.34 -15.62
CA THR A 116 -19.57 -15.90 -17.00
C THR A 116 -18.18 -15.71 -17.59
N ARG A 117 -18.15 -15.28 -18.86
CA ARG A 117 -16.86 -15.00 -19.51
C ARG A 117 -16.16 -13.83 -18.83
N GLU A 118 -16.91 -12.83 -18.39
CA GLU A 118 -16.29 -11.65 -17.78
C GLU A 118 -15.60 -12.00 -16.47
N ASN A 119 -16.15 -12.96 -15.71
CA ASN A 119 -15.48 -13.42 -14.50
C ASN A 119 -14.13 -14.04 -14.82
N ALA A 120 -14.08 -14.85 -15.88
CA ALA A 120 -12.81 -15.45 -16.29
C ALA A 120 -11.86 -14.40 -16.85
N GLY A 121 -12.40 -13.39 -17.54
CA GLY A 121 -11.55 -12.34 -18.09
C GLY A 121 -10.84 -11.53 -17.03
N VAL A 122 -11.54 -11.23 -15.93
CA VAL A 122 -10.92 -10.51 -14.83
C VAL A 122 -9.79 -11.32 -14.21
N ALA A 123 -10.02 -12.64 -14.04
CA ALA A 123 -8.99 -13.50 -13.47
C ALA A 123 -7.76 -13.56 -14.36
N LEU A 124 -7.95 -13.62 -15.67
CA LEU A 124 -6.82 -13.65 -16.59
C LEU A 124 -6.01 -12.37 -16.53
N TYR A 125 -6.70 -11.21 -16.48
CA TYR A 125 -5.99 -9.94 -16.41
C TYR A 125 -5.34 -9.74 -15.06
N ALA A 126 -5.99 -10.22 -13.98
CA ALA A 126 -5.40 -10.11 -12.66
C ALA A 126 -4.12 -10.94 -12.55
N VAL A 127 -4.12 -12.13 -13.16
CA VAL A 127 -2.92 -12.96 -13.15
C VAL A 127 -1.80 -12.31 -13.95
N ALA A 128 -2.14 -11.74 -15.11
CA ALA A 128 -1.13 -11.11 -15.95
C ALA A 128 -0.44 -9.96 -15.22
N PHE A 129 -1.23 -9.13 -14.53
CA PHE A 129 -0.62 -8.06 -13.74
C PHE A 129 0.24 -8.61 -12.60
N ALA A 130 -0.25 -9.62 -11.89
CA ALA A 130 0.50 -10.13 -10.74
C ALA A 130 1.84 -10.70 -11.17
N TRP A 131 1.91 -11.29 -12.37
CA TRP A 131 3.19 -11.77 -12.88
C TRP A 131 4.11 -10.59 -13.23
N VAL A 132 3.55 -9.55 -13.84
CA VAL A 132 4.37 -8.41 -14.25
C VAL A 132 4.85 -7.61 -13.03
N LEU A 133 3.96 -7.39 -12.06
CA LEU A 133 4.36 -6.66 -10.87
C LEU A 133 5.45 -7.40 -10.09
N SER A 134 5.37 -8.73 -10.04
CA SER A 134 6.40 -9.50 -9.35
C SER A 134 7.75 -9.34 -10.04
N ILE A 135 7.76 -9.33 -11.37
CA ILE A 135 9.01 -9.11 -12.10
C ILE A 135 9.56 -7.71 -11.80
N VAL A 136 8.68 -6.71 -11.79
CA VAL A 136 9.12 -5.35 -11.51
C VAL A 136 9.60 -5.22 -10.07
N ALA A 137 8.85 -5.78 -9.12
CA ALA A 137 9.22 -5.68 -7.72
C ALA A 137 10.50 -6.45 -7.40
N ALA A 138 10.83 -7.48 -8.18
CA ALA A 138 12.05 -8.23 -7.99
C ALA A 138 13.23 -7.67 -8.77
N VAL A 139 13.01 -6.62 -9.56
CA VAL A 139 14.13 -5.96 -10.23
C VAL A 139 15.11 -5.33 -9.24
N PRO A 140 14.67 -4.58 -8.22
CA PRO A 140 15.66 -4.01 -7.28
C PRO A 140 16.52 -5.06 -6.58
N THR A 141 15.95 -6.20 -6.22
CA THR A 141 16.74 -7.24 -5.56
C THR A 141 17.59 -8.05 -6.52
N ALA A 142 17.39 -7.89 -7.83
CA ALA A 142 18.27 -8.49 -8.82
C ALA A 142 19.52 -7.67 -9.06
N ALA A 143 19.55 -6.41 -8.62
CA ALA A 143 20.70 -5.53 -8.79
C ALA A 143 21.44 -5.29 -7.49
N THR A 144 21.14 -6.05 -6.44
CA THR A 144 21.82 -5.86 -5.16
C THR A 144 22.21 -7.17 -4.50
N GLY A 145 22.00 -8.31 -5.15
CA GLY A 145 22.39 -9.58 -4.56
C GLY A 145 23.90 -9.74 -4.49
N SER A 146 24.33 -10.56 -3.54
CA SER A 146 25.76 -10.79 -3.34
C SER A 146 25.94 -12.15 -2.68
N LEU A 147 27.17 -12.65 -2.75
CA LEU A 147 27.48 -13.95 -2.17
C LEU A 147 27.50 -13.86 -0.64
N ASP A 148 27.02 -14.93 0.00
CA ASP A 148 27.12 -15.06 1.44
C ASP A 148 28.43 -15.72 1.81
N TYR A 149 29.07 -15.22 2.87
CA TYR A 149 30.38 -15.70 3.26
C TYR A 149 30.39 -16.46 4.57
N ARG A 150 29.40 -16.27 5.44
CA ARG A 150 29.26 -17.13 6.60
C ARG A 150 28.89 -18.54 6.18
N TRP A 151 27.77 -18.69 5.48
CA TRP A 151 27.43 -19.92 4.79
C TRP A 151 27.83 -19.80 3.32
N LEU A 152 27.66 -20.90 2.58
CA LEU A 152 28.03 -20.96 1.18
C LEU A 152 26.83 -20.79 0.25
N GLY A 153 25.86 -20.00 0.64
CA GLY A 153 24.65 -19.76 -0.13
C GLY A 153 24.74 -18.50 -0.96
N CYS A 154 23.61 -17.79 -1.04
CA CYS A 154 23.51 -16.57 -1.83
C CYS A 154 22.39 -15.73 -1.24
N GLN A 155 22.74 -14.64 -0.58
CA GLN A 155 21.78 -13.84 0.16
C GLN A 155 22.05 -12.36 -0.04
N ILE A 156 21.01 -11.56 0.09
CA ILE A 156 21.12 -10.10 -0.04
C ILE A 156 21.96 -9.55 1.11
N PRO A 157 22.86 -8.61 0.87
CA PRO A 157 23.72 -8.09 1.95
C PRO A 157 22.91 -7.44 3.06
N ILE A 158 23.58 -7.22 4.19
CA ILE A 158 22.92 -6.69 5.37
C ILE A 158 22.64 -5.19 5.26
N GLN A 159 23.36 -4.47 4.41
CA GLN A 159 23.11 -3.03 4.25
C GLN A 159 21.79 -2.75 3.55
N TYR A 160 21.27 -3.72 2.80
CA TYR A 160 19.97 -3.58 2.13
C TYR A 160 18.87 -4.35 2.86
N ALA A 161 19.13 -4.82 4.07
CA ALA A 161 18.13 -5.60 4.81
C ALA A 161 16.91 -4.75 5.15
N ALA A 162 17.12 -3.49 5.51
CA ALA A 162 16.00 -2.62 5.85
C ALA A 162 15.09 -2.40 4.65
N VAL A 163 15.67 -2.20 3.47
CA VAL A 163 14.88 -2.02 2.27
C VAL A 163 14.19 -3.33 1.89
N ASP A 164 14.90 -4.46 2.06
CA ASP A 164 14.32 -5.75 1.69
C ASP A 164 13.10 -6.08 2.55
N LEU A 165 13.17 -5.79 3.85
CA LEU A 165 12.05 -6.06 4.74
C LEU A 165 10.84 -5.20 4.37
N THR A 166 11.07 -3.93 4.02
CA THR A 166 9.97 -3.03 3.72
C THR A 166 9.18 -3.50 2.50
N ILE A 167 9.87 -3.92 1.45
CA ILE A 167 9.19 -4.41 0.26
C ILE A 167 8.49 -5.73 0.56
N LYS A 168 9.15 -6.62 1.28
CA LYS A 168 8.56 -7.92 1.60
C LYS A 168 7.34 -7.76 2.50
N MET A 169 7.41 -6.86 3.48
CA MET A 169 6.30 -6.67 4.41
C MET A 169 5.05 -6.20 3.68
N TRP A 170 5.21 -5.24 2.75
CA TRP A 170 4.07 -4.73 2.00
C TRP A 170 3.48 -5.80 1.09
N PHE A 171 4.34 -6.56 0.41
CA PHE A 171 3.87 -7.54 -0.55
C PHE A 171 3.23 -8.75 0.12
N LEU A 172 3.79 -9.23 1.22
CA LEU A 172 3.32 -10.46 1.85
C LEU A 172 2.16 -10.23 2.82
N LEU A 173 2.23 -9.19 3.66
CA LEU A 173 1.15 -8.94 4.62
C LEU A 173 0.75 -7.48 4.71
N GLY A 174 1.38 -6.58 3.95
CA GLY A 174 1.00 -5.19 4.01
C GLY A 174 -0.26 -4.89 3.23
N ALA A 175 -0.21 -5.07 1.92
CA ALA A 175 -1.35 -4.82 1.05
C ALA A 175 -2.36 -5.97 1.05
N PRO A 176 -1.94 -7.23 0.85
CA PRO A 176 -2.95 -8.30 0.77
C PRO A 176 -3.75 -8.49 2.05
N MET A 177 -3.14 -8.25 3.21
CA MET A 177 -3.82 -8.55 4.46
C MET A 177 -4.71 -7.39 4.89
N ILE A 178 -4.37 -6.16 4.49
CA ILE A 178 -5.27 -5.03 4.72
C ILE A 178 -6.48 -5.14 3.80
N ALA A 179 -6.26 -5.48 2.53
CA ALA A 179 -7.37 -5.59 1.59
C ALA A 179 -8.32 -6.71 1.98
N VAL A 180 -7.79 -7.84 2.42
CA VAL A 180 -8.64 -8.95 2.85
C VAL A 180 -9.41 -8.56 4.10
N LEU A 181 -8.75 -7.91 5.06
CA LEU A 181 -9.42 -7.51 6.29
C LEU A 181 -10.50 -6.46 6.01
N ALA A 182 -10.23 -5.54 5.07
CA ALA A 182 -11.23 -4.54 4.73
C ALA A 182 -12.48 -5.18 4.13
N ASN A 183 -12.30 -6.18 3.28
CA ASN A 183 -13.45 -6.87 2.69
C ASN A 183 -14.19 -7.69 3.74
N VAL A 184 -13.46 -8.38 4.61
CA VAL A 184 -14.09 -9.22 5.62
C VAL A 184 -14.89 -8.37 6.61
N VAL A 185 -14.34 -7.23 7.02
CA VAL A 185 -15.05 -6.35 7.96
C VAL A 185 -16.36 -5.89 7.37
N GLU A 186 -16.36 -5.50 6.10
CA GLU A 186 -17.61 -5.15 5.42
C GLU A 186 -18.53 -6.36 5.31
N LEU A 187 -17.96 -7.54 5.04
CA LEU A 187 -18.76 -8.76 4.90
C LEU A 187 -19.38 -9.20 6.21
N ALA A 188 -18.77 -8.82 7.34
CA ALA A 188 -19.26 -9.29 8.64
C ALA A 188 -20.60 -8.67 9.02
N TYR A 189 -20.98 -7.54 8.41
CA TYR A 189 -22.22 -6.86 8.75
C TYR A 189 -23.24 -6.88 7.61
N SER A 190 -22.95 -7.59 6.52
CA SER A 190 -23.86 -7.64 5.39
C SER A 190 -24.79 -8.86 5.51
N ASP A 191 -25.83 -8.86 4.66
CA ASP A 191 -26.75 -9.99 4.62
C ASP A 191 -26.11 -11.23 4.01
N ARG A 192 -25.05 -11.06 3.20
CA ARG A 192 -24.33 -12.18 2.59
C ARG A 192 -23.22 -12.64 3.54
N ARG A 193 -23.65 -13.07 4.72
CA ARG A 193 -22.74 -13.39 5.82
C ARG A 193 -22.85 -14.82 6.31
N ASP A 194 -23.98 -15.50 6.10
CA ASP A 194 -24.21 -16.80 6.74
C ASP A 194 -23.20 -17.85 6.30
N HIS A 195 -22.88 -17.89 5.01
CA HIS A 195 -22.05 -18.95 4.44
C HIS A 195 -20.67 -18.45 4.02
N VAL A 196 -20.09 -17.55 4.79
CA VAL A 196 -18.75 -17.05 4.51
C VAL A 196 -17.77 -17.29 5.66
N TRP A 197 -18.26 -17.68 6.83
CA TRP A 197 -17.38 -17.80 8.00
C TRP A 197 -16.53 -19.06 7.94
N SER A 198 -16.97 -20.10 7.23
CA SER A 198 -16.11 -21.26 7.03
C SER A 198 -14.89 -20.89 6.20
N TYR A 199 -15.07 -20.04 5.19
CA TYR A 199 -13.95 -19.60 4.37
C TYR A 199 -13.09 -18.58 5.09
N VAL A 200 -13.71 -17.71 5.90
CA VAL A 200 -12.97 -16.69 6.63
C VAL A 200 -12.02 -17.33 7.63
N GLY A 201 -12.44 -18.44 8.25
CA GLY A 201 -11.56 -19.14 9.15
C GLY A 201 -10.32 -19.68 8.46
N ARG A 202 -10.42 -19.97 7.16
CA ARG A 202 -9.28 -20.48 6.42
C ARG A 202 -8.29 -19.37 6.08
N VAL A 203 -8.79 -18.16 5.81
CA VAL A 203 -7.87 -17.07 5.48
C VAL A 203 -7.24 -16.49 6.73
N CYS A 204 -7.85 -16.72 7.90
CA CYS A 204 -7.25 -16.25 9.15
C CYS A 204 -6.02 -17.06 9.51
N THR A 205 -6.11 -18.39 9.39
CA THR A 205 -4.95 -19.23 9.69
C THR A 205 -3.90 -19.16 8.60
N PHE A 206 -4.29 -18.80 7.38
CA PHE A 206 -3.32 -18.70 6.30
C PHE A 206 -2.38 -17.52 6.49
N TYR A 207 -2.93 -16.35 6.82
CA TYR A 207 -2.08 -15.18 7.01
C TYR A 207 -1.30 -15.24 8.30
N VAL A 208 -1.83 -15.96 9.31
CA VAL A 208 -1.05 -16.23 10.51
C VAL A 208 0.15 -17.11 10.17
N THR A 209 -0.06 -18.13 9.33
CA THR A 209 1.04 -18.99 8.92
C THR A 209 2.07 -18.19 8.12
N CYS A 210 1.62 -17.32 7.23
CA CYS A 210 2.55 -16.46 6.49
C CYS A 210 3.28 -15.51 7.44
N LEU A 211 2.58 -15.03 8.47
CA LEU A 211 3.21 -14.15 9.45
C LEU A 211 4.30 -14.88 10.23
N MET A 212 4.06 -16.14 10.58
CA MET A 212 5.02 -16.88 11.38
C MET A 212 6.23 -17.32 10.57
N LEU A 213 6.08 -17.47 9.25
CA LEU A 213 7.18 -17.97 8.44
C LEU A 213 8.06 -16.84 7.89
N PHE A 214 7.47 -15.70 7.54
CA PHE A 214 8.21 -14.65 6.85
C PHE A 214 8.82 -13.64 7.82
N VAL A 215 8.12 -13.30 8.89
CA VAL A 215 8.59 -12.23 9.78
C VAL A 215 9.93 -12.54 10.43
N PRO A 216 10.15 -13.73 11.05
CA PRO A 216 11.39 -13.91 11.81
C PRO A 216 12.66 -13.75 11.00
N TYR A 217 12.70 -14.21 9.75
CA TYR A 217 13.94 -14.17 8.99
C TYR A 217 14.32 -12.74 8.61
N TYR A 218 13.37 -11.99 8.06
CA TYR A 218 13.69 -10.64 7.59
C TYR A 218 13.89 -9.68 8.73
N CYS A 219 13.15 -9.85 9.83
CA CYS A 219 13.35 -9.00 11.00
C CYS A 219 14.71 -9.23 11.62
N PHE A 220 15.18 -10.49 11.65
CA PHE A 220 16.49 -10.78 12.20
C PHE A 220 17.60 -10.19 11.34
N ARG A 221 17.42 -10.19 10.02
CA ARG A 221 18.44 -9.65 9.13
C ARG A 221 18.68 -8.16 9.41
N VAL A 222 17.59 -7.41 9.62
CA VAL A 222 17.73 -6.01 9.99
C VAL A 222 18.38 -5.88 11.36
N LEU A 223 17.96 -6.71 12.33
CA LEU A 223 18.50 -6.62 13.68
C LEU A 223 19.95 -7.05 13.75
N ARG A 224 20.40 -7.88 12.82
CA ARG A 224 21.79 -8.33 12.83
C ARG A 224 22.77 -7.19 12.53
N GLY A 225 22.29 -6.10 11.93
CA GLY A 225 23.15 -4.98 11.64
C GLY A 225 23.58 -4.20 12.88
N VAL A 226 22.83 -4.29 13.97
CA VAL A 226 23.17 -3.61 15.20
C VAL A 226 23.62 -4.56 16.29
N LEU A 227 23.16 -5.82 16.29
CA LEU A 227 23.61 -6.78 17.29
C LEU A 227 25.02 -7.28 17.00
N GLN A 228 25.48 -7.16 15.76
CA GLN A 228 26.81 -7.60 15.35
C GLN A 228 27.06 -9.07 15.69
N GLY A 236 35.06 -19.94 13.76
CA GLY A 236 33.88 -20.73 13.43
C GLY A 236 32.58 -19.97 13.62
N PHE A 237 31.46 -20.67 13.52
CA PHE A 237 30.16 -20.05 13.69
C PHE A 237 29.91 -19.71 15.15
N GLY A 238 29.03 -18.74 15.37
CA GLY A 238 28.68 -18.37 16.74
C GLY A 238 27.18 -18.49 16.94
N ILE A 239 26.68 -17.93 18.02
CA ILE A 239 25.25 -18.01 18.29
C ILE A 239 24.46 -17.18 17.29
N MET A 240 25.01 -16.04 16.85
CA MET A 240 24.32 -15.20 15.87
C MET A 240 24.29 -15.84 14.50
N ASP A 241 25.12 -16.85 14.25
CA ASP A 241 25.13 -17.52 12.95
C ASP A 241 24.18 -18.70 12.90
N TYR A 242 24.00 -19.43 14.00
CA TYR A 242 23.09 -20.56 14.00
C TYR A 242 21.63 -20.10 14.02
N VAL A 243 21.35 -19.00 14.71
CA VAL A 243 19.99 -18.46 14.72
C VAL A 243 19.61 -17.95 13.34
N GLU A 244 20.58 -17.45 12.57
CA GLU A 244 20.31 -17.06 11.20
C GLU A 244 19.86 -18.25 10.36
N LEU A 245 20.54 -19.39 10.53
CA LEU A 245 20.11 -20.61 9.85
C LEU A 245 18.77 -21.09 10.40
N ALA A 246 18.57 -21.01 11.71
CA ALA A 246 17.31 -21.46 12.31
C ALA A 246 16.15 -20.63 11.82
N THR A 247 16.33 -19.31 11.68
CA THR A 247 15.28 -18.44 11.17
C THR A 247 15.17 -18.48 9.66
N ARG A 248 16.15 -19.06 8.95
CA ARG A 248 16.08 -19.18 7.51
C ARG A 248 15.39 -20.45 7.07
N THR A 249 15.57 -21.55 7.81
CA THR A 249 14.88 -22.80 7.48
C THR A 249 13.37 -22.62 7.57
N LEU A 250 12.90 -21.80 8.51
CA LEU A 250 11.47 -21.50 8.59
C LEU A 250 10.96 -20.90 7.30
N LEU A 251 11.77 -20.07 6.65
CA LEU A 251 11.39 -19.55 5.34
C LEU A 251 11.34 -20.67 4.30
N THR A 252 12.22 -21.67 4.43
CA THR A 252 12.24 -22.76 3.47
C THR A 252 11.03 -23.67 3.64
N MET A 253 10.50 -23.80 4.86
CA MET A 253 9.31 -24.63 5.07
C MET A 253 8.08 -24.06 4.39
N ARG A 254 8.11 -22.81 3.93
CA ARG A 254 6.99 -22.25 3.19
C ARG A 254 6.73 -22.99 1.89
N LEU A 255 7.74 -23.68 1.35
CA LEU A 255 7.56 -24.43 0.11
C LEU A 255 6.74 -25.70 0.30
N GLY A 256 6.56 -26.16 1.53
CA GLY A 256 5.78 -27.35 1.77
C GLY A 256 4.47 -27.07 2.49
N ILE A 257 4.28 -25.84 2.94
CA ILE A 257 3.08 -25.44 3.65
C ILE A 257 2.15 -24.64 2.76
N LEU A 258 2.69 -23.66 2.03
CA LEU A 258 1.86 -22.86 1.13
C LEU A 258 1.15 -23.67 0.06
N PRO A 259 1.78 -24.66 -0.61
CA PRO A 259 1.01 -25.46 -1.59
C PRO A 259 -0.18 -26.18 -0.99
N LEU A 260 -0.14 -26.50 0.31
CA LEU A 260 -1.30 -27.11 0.95
C LEU A 260 -2.48 -26.16 1.03
N PHE A 261 -2.24 -24.85 0.96
CA PHE A 261 -3.31 -23.86 1.00
C PHE A 261 -3.91 -23.60 -0.37
N ILE A 262 -3.35 -24.15 -1.44
CA ILE A 262 -3.96 -24.04 -2.75
C ILE A 262 -5.30 -24.76 -2.77
N ILE A 263 -5.35 -25.95 -2.20
CA ILE A 263 -6.60 -26.70 -2.12
C ILE A 263 -7.51 -26.16 -1.02
N ALA A 264 -6.93 -25.58 0.02
CA ALA A 264 -7.74 -25.02 1.11
C ALA A 264 -8.62 -23.88 0.62
N PHE A 265 -8.17 -23.17 -0.42
CA PHE A 265 -8.94 -22.07 -1.01
C PHE A 265 -9.61 -22.47 -2.31
N PHE A 266 -9.63 -23.76 -2.64
CA PHE A 266 -10.16 -24.19 -3.93
C PHE A 266 -11.65 -23.92 -4.03
N SER A 267 -12.42 -24.20 -2.98
CA SER A 267 -13.86 -24.02 -3.00
C SER A 267 -14.35 -23.82 -1.58
N ARG A 268 -15.67 -23.91 -1.40
CA ARG A 268 -16.27 -23.68 -0.09
C ARG A 268 -15.86 -24.77 0.91
N GLU A 269 -16.02 -26.03 0.51
CA GLU A 269 -15.66 -27.18 1.35
C GLU A 269 -14.80 -28.13 0.52
N PRO A 270 -13.52 -27.82 0.36
CA PRO A 270 -12.66 -28.69 -0.48
C PRO A 270 -12.53 -30.10 0.06
N THR A 271 -12.56 -30.30 1.38
CA THR A 271 -12.39 -31.63 1.94
C THR A 271 -13.57 -32.54 1.63
N LYS A 272 -14.73 -31.98 1.27
CA LYS A 272 -15.88 -32.78 0.90
C LYS A 272 -15.95 -33.00 -0.61
N ASP A 273 -15.62 -31.97 -1.40
CA ASP A 273 -15.59 -32.13 -2.85
C ASP A 273 -14.48 -33.08 -3.28
N LEU A 274 -13.35 -33.05 -2.58
CA LEU A 274 -12.24 -33.92 -2.93
C LEU A 274 -12.61 -35.39 -2.73
N ASP A 275 -13.34 -35.70 -1.67
CA ASP A 275 -13.74 -37.09 -1.42
C ASP A 275 -14.65 -37.60 -2.54
N ASP A 276 -15.60 -36.78 -2.99
CA ASP A 276 -16.46 -37.18 -4.09
C ASP A 276 -15.66 -37.37 -5.38
N SER A 277 -14.71 -36.47 -5.64
CA SER A 277 -13.89 -36.60 -6.84
C SER A 277 -13.03 -37.85 -6.79
N PHE A 278 -12.43 -38.14 -5.63
CA PHE A 278 -11.53 -39.29 -5.54
C PHE A 278 -12.31 -40.60 -5.55
N ASP A 279 -13.46 -40.65 -4.85
CA ASP A 279 -14.26 -41.86 -4.83
C ASP A 279 -14.83 -42.19 -6.22
N TYR A 280 -15.28 -41.18 -6.96
CA TYR A 280 -15.80 -41.42 -8.29
C TYR A 280 -14.69 -41.81 -9.27
N LEU A 281 -13.51 -41.21 -9.14
CA LEU A 281 -12.41 -41.50 -10.05
C LEU A 281 -11.93 -42.94 -9.94
N VAL A 282 -11.82 -43.47 -8.71
CA VAL A 282 -11.33 -44.83 -8.54
C VAL A 282 -12.36 -45.87 -8.94
N GLU A 283 -13.63 -45.47 -9.07
CA GLU A 283 -14.67 -46.43 -9.41
C GLU A 283 -14.63 -46.79 -10.89
N ARG A 284 -14.94 -45.82 -11.75
CA ARG A 284 -14.97 -46.05 -13.20
C ARG A 284 -13.92 -45.23 -13.94
N CYS A 285 -13.89 -43.92 -13.73
CA CYS A 285 -12.96 -43.04 -14.44
C CYS A 285 -12.35 -42.01 -13.50
N SER B 1 22.05 27.29 26.55
CA SER B 1 21.39 26.08 27.01
C SER B 1 20.05 26.40 27.67
N ALA B 2 19.76 27.70 27.79
CA ALA B 2 18.48 28.11 28.37
C ALA B 2 17.31 27.71 27.48
N ASP B 3 17.48 27.79 26.15
CA ASP B 3 16.41 27.39 25.25
C ASP B 3 16.11 25.90 25.37
N ARG B 4 17.14 25.08 25.58
CA ARG B 4 16.94 23.64 25.73
C ARG B 4 16.07 23.34 26.96
N ALA B 5 16.31 24.04 28.06
CA ALA B 5 15.48 23.85 29.25
C ALA B 5 14.03 24.28 28.99
N ALA B 6 13.84 25.38 28.25
CA ALA B 6 12.49 25.81 27.91
C ALA B 6 11.80 24.78 27.03
N SER B 7 12.51 24.21 26.06
CA SER B 7 11.95 23.16 25.22
C SER B 7 11.61 21.92 26.06
N ASP B 8 12.47 21.59 27.02
CA ASP B 8 12.20 20.46 27.90
C ASP B 8 10.94 20.69 28.72
N LEU B 9 10.76 21.92 29.23
CA LEU B 9 9.57 22.23 30.00
C LEU B 9 8.31 22.19 29.14
N LEU B 10 8.39 22.70 27.91
CA LEU B 10 7.22 22.72 27.04
C LEU B 10 6.77 21.31 26.67
N ILE B 11 7.71 20.43 26.36
CA ILE B 11 7.36 19.05 26.03
C ILE B 11 6.78 18.34 27.25
N GLY B 12 7.39 18.54 28.42
CA GLY B 12 6.86 17.92 29.63
C GLY B 12 5.47 18.41 29.98
N MET B 13 5.22 19.71 29.81
CA MET B 13 3.90 20.26 30.07
C MET B 13 2.86 19.66 29.11
N PHE B 14 3.22 19.52 27.84
CA PHE B 14 2.29 18.93 26.88
C PHE B 14 1.99 17.48 27.22
N GLY B 15 3.00 16.72 27.63
CA GLY B 15 2.78 15.33 27.98
C GLY B 15 1.94 15.16 29.24
N SER B 16 2.20 15.99 30.25
CA SER B 16 1.39 15.94 31.46
C SER B 16 -0.06 16.28 31.16
N VAL B 17 -0.29 17.27 30.30
CA VAL B 17 -1.64 17.56 29.83
C VAL B 17 -2.19 16.38 29.04
N SER B 18 -1.37 15.79 28.17
CA SER B 18 -1.81 14.66 27.38
C SER B 18 -2.11 13.45 28.26
N LEU B 19 -1.28 13.22 29.29
CA LEU B 19 -1.52 12.11 30.20
C LEU B 19 -2.84 12.27 30.94
N VAL B 20 -3.16 13.50 31.36
CA VAL B 20 -4.44 13.74 32.01
C VAL B 20 -5.59 13.49 31.03
N ASN B 21 -5.42 13.92 29.78
CA ASN B 21 -6.46 13.69 28.78
C ASN B 21 -6.70 12.21 28.56
N LEU B 22 -5.63 11.41 28.49
CA LEU B 22 -5.79 9.97 28.28
C LEU B 22 -6.53 9.32 29.44
N LEU B 23 -6.23 9.74 30.67
CA LEU B 23 -6.93 9.20 31.82
C LEU B 23 -8.41 9.58 31.78
N THR B 24 -8.73 10.77 31.27
CA THR B 24 -10.12 11.16 31.10
C THR B 24 -10.81 10.27 30.08
N ILE B 25 -10.12 9.91 29.00
CA ILE B 25 -10.70 9.00 28.01
C ILE B 25 -10.93 7.62 28.62
N ILE B 26 -9.98 7.15 29.44
CA ILE B 26 -10.16 5.86 30.11
C ILE B 26 -11.37 5.89 31.01
N GLY B 27 -11.52 6.96 31.79
CA GLY B 27 -12.71 7.10 32.62
C GLY B 27 -13.98 7.27 31.79
N CYS B 28 -13.90 8.01 30.70
CA CYS B 28 -15.05 8.18 29.83
C CYS B 28 -15.45 6.86 29.18
N LEU B 29 -14.47 6.05 28.77
CA LEU B 29 -14.77 4.74 28.21
C LEU B 29 -15.37 3.82 29.27
N TRP B 30 -14.91 3.94 30.52
CA TRP B 30 -15.44 3.11 31.60
C TRP B 30 -16.91 3.40 31.86
N VAL B 31 -17.29 4.68 31.88
CA VAL B 31 -18.68 5.03 32.14
C VAL B 31 -19.57 4.86 30.91
N LEU B 32 -18.99 4.62 29.74
CA LEU B 32 -19.75 4.37 28.53
C LEU B 32 -20.16 2.90 28.39
N ARG B 33 -19.74 2.04 29.31
CA ARG B 33 -20.09 0.63 29.22
C ARG B 33 -21.55 0.36 29.57
N VAL B 34 -22.21 1.30 30.26
CA VAL B 34 -23.62 1.11 30.60
C VAL B 34 -24.47 1.12 29.34
N THR B 35 -24.19 2.02 28.40
CA THR B 35 -24.78 1.96 27.07
C THR B 35 -24.04 0.88 26.31
N ARG B 36 -24.58 -0.35 26.38
CA ARG B 36 -23.91 -1.57 25.95
C ARG B 36 -23.29 -1.44 24.56
N PRO B 37 -21.96 -1.40 24.48
CA PRO B 37 -21.31 -1.32 23.18
C PRO B 37 -20.97 -2.70 22.67
N PRO B 38 -20.81 -2.86 21.35
CA PRO B 38 -20.38 -4.16 20.82
C PRO B 38 -18.97 -4.48 21.26
N VAL B 39 -18.69 -5.79 21.34
CA VAL B 39 -17.35 -6.25 21.73
C VAL B 39 -16.31 -5.77 20.72
N SER B 40 -16.69 -5.62 19.45
CA SER B 40 -15.75 -5.14 18.45
C SER B 40 -15.28 -3.73 18.78
N VAL B 41 -16.18 -2.85 19.20
CA VAL B 41 -15.79 -1.50 19.59
C VAL B 41 -14.92 -1.53 20.83
N MET B 42 -15.27 -2.37 21.81
CA MET B 42 -14.51 -2.45 23.06
C MET B 42 -13.09 -2.92 22.79
N ILE B 43 -12.92 -3.91 21.91
CA ILE B 43 -11.59 -4.43 21.60
C ILE B 43 -10.74 -3.36 20.95
N PHE B 44 -11.31 -2.63 19.99
CA PHE B 44 -10.54 -1.61 19.29
C PHE B 44 -10.22 -0.41 20.17
N THR B 45 -11.20 0.07 20.93
CA THR B 45 -11.00 1.26 21.74
C THR B 45 -9.99 1.02 22.86
N TRP B 46 -10.08 -0.14 23.52
CA TRP B 46 -9.15 -0.43 24.62
C TRP B 46 -7.75 -0.64 24.11
N ASN B 47 -7.60 -1.27 22.94
CA ASN B 47 -6.27 -1.40 22.34
C ASN B 47 -5.72 -0.06 21.89
N LEU B 48 -6.60 0.87 21.49
CA LEU B 48 -6.15 2.22 21.18
C LEU B 48 -5.59 2.90 22.42
N VAL B 49 -6.25 2.74 23.56
CA VAL B 49 -5.80 3.35 24.80
C VAL B 49 -4.42 2.84 25.18
N LEU B 50 -4.21 1.52 25.04
CA LEU B 50 -2.89 0.95 25.33
C LEU B 50 -1.82 1.51 24.39
N SER B 51 -2.15 1.66 23.11
CA SER B 51 -1.18 2.19 22.16
C SER B 51 -0.84 3.65 22.47
N GLN B 52 -1.84 4.44 22.85
CA GLN B 52 -1.59 5.84 23.20
C GLN B 52 -0.68 5.95 24.42
N PHE B 53 -0.87 5.06 25.40
CA PHE B 53 -0.02 5.10 26.58
C PHE B 53 1.42 4.77 26.24
N PHE B 54 1.64 3.82 25.32
CA PHE B 54 2.99 3.51 24.88
C PHE B 54 3.62 4.71 24.17
N SER B 55 2.86 5.38 23.32
CA SER B 55 3.40 6.53 22.59
C SER B 55 3.72 7.68 23.53
N ILE B 56 2.84 7.93 24.51
CA ILE B 56 3.07 9.01 25.46
C ILE B 56 4.31 8.72 26.31
N LEU B 57 4.42 7.49 26.80
CA LEU B 57 5.54 7.13 27.67
C LEU B 57 6.87 7.19 26.91
N ALA B 58 6.88 6.72 25.67
CA ALA B 58 8.13 6.67 24.91
C ALA B 58 8.54 8.06 24.42
N THR B 59 7.56 8.93 24.16
CA THR B 59 7.89 10.28 23.67
C THR B 59 8.68 11.06 24.70
N MET B 60 8.30 10.97 25.98
CA MET B 60 9.00 11.71 27.02
C MET B 60 10.42 11.20 27.20
N LEU B 61 10.59 9.88 27.13
CA LEU B 61 11.95 9.33 27.15
C LEU B 61 12.73 9.73 25.91
N SER B 62 12.05 9.86 24.77
CA SER B 62 12.71 10.32 23.56
C SER B 62 13.19 11.76 23.69
N LYS B 63 12.40 12.61 24.34
CA LYS B 63 12.79 14.00 24.55
C LYS B 63 13.77 14.17 25.70
N GLY B 64 14.09 13.10 26.43
CA GLY B 64 15.00 13.21 27.55
C GLY B 64 14.49 14.05 28.70
N ILE B 65 13.23 13.84 29.09
CA ILE B 65 12.66 14.60 30.21
C ILE B 65 13.40 14.28 31.49
N MET B 66 13.67 13.00 31.74
CA MET B 66 14.34 12.58 32.97
C MET B 66 15.50 11.63 32.76
N LEU B 67 15.84 11.27 31.52
CA LEU B 67 16.92 10.33 31.25
C LEU B 67 18.13 10.99 30.61
N ARG B 68 18.27 12.31 30.73
CA ARG B 68 19.44 12.99 30.19
C ARG B 68 20.71 12.54 30.90
N GLY B 69 21.76 12.30 30.13
CA GLY B 69 23.02 11.83 30.68
C GLY B 69 23.19 10.33 30.53
N ALA B 70 22.10 9.58 30.70
CA ALA B 70 22.11 8.14 30.55
C ALA B 70 21.58 7.67 29.20
N LEU B 71 21.25 8.60 28.30
CA LEU B 71 20.69 8.25 26.99
C LEU B 71 21.83 7.84 26.07
N ASN B 72 22.11 6.54 26.04
CA ASN B 72 23.12 5.99 25.16
C ASN B 72 22.47 5.54 23.85
N LEU B 73 23.25 4.89 22.98
CA LEU B 73 22.70 4.38 21.73
C LEU B 73 21.71 3.25 21.97
N SER B 74 22.00 2.38 22.95
CA SER B 74 21.10 1.27 23.24
C SER B 74 19.74 1.77 23.71
N LEU B 75 19.73 2.77 24.59
CA LEU B 75 18.47 3.32 25.06
C LEU B 75 17.78 4.12 23.97
N CYS B 76 18.55 4.81 23.12
CA CYS B 76 17.96 5.61 22.06
C CYS B 76 17.22 4.74 21.06
N ARG B 77 17.81 3.60 20.69
CA ARG B 77 17.15 2.71 19.74
C ARG B 77 15.89 2.08 20.35
N LEU B 78 15.96 1.69 21.62
CA LEU B 78 14.80 1.07 22.27
C LEU B 78 13.65 2.06 22.40
N VAL B 79 13.95 3.31 22.77
CA VAL B 79 12.89 4.30 22.94
C VAL B 79 12.25 4.63 21.60
N LEU B 80 13.05 4.81 20.56
CA LEU B 80 12.51 5.12 19.24
C LEU B 80 11.67 3.95 18.71
N PHE B 81 12.03 2.72 19.06
CA PHE B 81 11.24 1.57 18.65
C PHE B 81 9.86 1.58 19.30
N VAL B 82 9.81 1.84 20.61
CA VAL B 82 8.54 1.82 21.34
C VAL B 82 7.64 2.95 20.85
N ASP B 83 8.22 4.11 20.57
CA ASP B 83 7.43 5.25 20.12
C ASP B 83 6.74 4.93 18.79
N ASP B 84 7.47 4.35 17.83
CA ASP B 84 6.88 4.06 16.53
C ASP B 84 5.87 2.91 16.62
N VAL B 85 6.05 2.00 17.58
CA VAL B 85 5.08 0.92 17.76
C VAL B 85 3.72 1.50 18.13
N GLY B 86 3.69 2.45 19.07
CA GLY B 86 2.46 3.16 19.35
C GLY B 86 2.03 4.04 18.19
N LEU B 87 2.99 4.63 17.49
CA LEU B 87 2.67 5.47 16.34
C LEU B 87 2.03 4.67 15.22
N TYR B 88 2.57 3.47 14.96
CA TYR B 88 2.04 2.64 13.88
C TYR B 88 0.73 1.96 14.30
N SER B 89 0.64 1.52 15.55
CA SER B 89 -0.55 0.82 16.01
C SER B 89 -1.77 1.72 15.99
N THR B 90 -1.60 3.00 16.37
CA THR B 90 -2.72 3.92 16.41
C THR B 90 -3.34 4.11 15.03
N ALA B 91 -2.50 4.20 14.00
CA ALA B 91 -3.01 4.36 12.64
C ALA B 91 -3.82 3.14 12.22
N LEU B 92 -3.35 1.94 12.56
CA LEU B 92 -4.06 0.73 12.17
C LEU B 92 -5.32 0.53 12.99
N PHE B 93 -5.24 0.79 14.31
CA PHE B 93 -6.42 0.64 15.16
C PHE B 93 -7.51 1.63 14.77
N PHE B 94 -7.14 2.86 14.47
CA PHE B 94 -8.11 3.85 14.03
C PHE B 94 -8.70 3.48 12.68
N LEU B 95 -7.88 2.94 11.78
CA LEU B 95 -8.39 2.52 10.48
C LEU B 95 -9.40 1.39 10.60
N PHE B 96 -9.09 0.39 11.43
CA PHE B 96 -10.01 -0.74 11.58
C PHE B 96 -11.27 -0.33 12.33
N LEU B 97 -11.15 0.56 13.32
CA LEU B 97 -12.32 1.06 14.02
C LEU B 97 -13.24 1.83 13.09
N ILE B 98 -12.66 2.66 12.20
CA ILE B 98 -13.46 3.41 11.24
C ILE B 98 -14.16 2.46 10.28
N LEU B 99 -13.43 1.48 9.76
CA LEU B 99 -14.01 0.52 8.81
C LEU B 99 -15.09 -0.32 9.47
N ASP B 100 -14.86 -0.74 10.72
CA ASP B 100 -15.85 -1.53 11.43
C ASP B 100 -17.14 -0.73 11.65
N ARG B 101 -17.01 0.53 12.04
CA ARG B 101 -18.19 1.34 12.33
C ARG B 101 -18.90 1.78 11.06
N LEU B 102 -18.14 2.06 10.00
CA LEU B 102 -18.76 2.47 8.74
C LEU B 102 -19.64 1.35 8.17
N SER B 103 -19.15 0.12 8.24
CA SER B 103 -19.94 -1.02 7.75
C SER B 103 -21.12 -1.31 8.66
N ALA B 104 -20.90 -1.20 9.98
CA ALA B 104 -21.97 -1.52 10.92
C ALA B 104 -23.10 -0.50 10.86
N ILE B 105 -22.76 0.79 10.84
CA ILE B 105 -23.79 1.83 10.83
C ILE B 105 -24.55 1.83 9.52
N SER B 106 -23.86 1.60 8.40
CA SER B 106 -24.52 1.63 7.10
C SER B 106 -25.57 0.54 6.98
N TYR B 107 -25.26 -0.66 7.47
CA TYR B 107 -26.19 -1.78 7.39
C TYR B 107 -27.25 -1.75 8.47
N GLY B 108 -27.19 -0.80 9.40
CA GLY B 108 -28.19 -0.69 10.44
C GLY B 108 -27.98 -1.58 11.64
N ARG B 109 -26.84 -2.27 11.73
CA ARG B 109 -26.54 -3.15 12.86
C ARG B 109 -25.27 -2.64 13.53
N ASP B 110 -25.43 -1.69 14.46
CA ASP B 110 -24.32 -1.12 15.20
C ASP B 110 -24.50 -1.19 16.71
N LEU B 111 -25.59 -1.80 17.19
CA LEU B 111 -25.86 -1.90 18.61
C LEU B 111 -25.31 -3.21 19.17
N TRP B 112 -25.43 -3.35 20.50
CA TRP B 112 -24.89 -4.54 21.16
C TRP B 112 -25.62 -5.80 20.73
N HIS B 113 -26.95 -5.73 20.58
CA HIS B 113 -27.75 -6.89 20.20
C HIS B 113 -27.76 -7.13 18.71
N HIS B 114 -26.85 -6.51 17.96
CA HIS B 114 -26.77 -6.67 16.51
C HIS B 114 -25.47 -7.31 16.06
N GLU B 115 -24.61 -7.72 16.98
CA GLU B 115 -23.33 -8.33 16.64
C GLU B 115 -23.33 -9.79 17.08
N THR B 116 -22.53 -10.59 16.38
CA THR B 116 -22.40 -12.02 16.64
C THR B 116 -21.00 -12.31 17.16
N ARG B 117 -20.74 -13.59 17.46
CA ARG B 117 -19.42 -13.99 17.91
C ARG B 117 -18.39 -13.80 16.80
N GLU B 118 -18.79 -13.99 15.54
CA GLU B 118 -17.87 -13.85 14.43
C GLU B 118 -17.40 -12.41 14.26
N ASN B 119 -18.28 -11.45 14.56
CA ASN B 119 -17.88 -10.04 14.51
C ASN B 119 -16.80 -9.75 15.53
N ALA B 120 -16.93 -10.28 16.74
CA ALA B 120 -15.91 -10.09 17.77
C ALA B 120 -14.61 -10.80 17.40
N GLY B 121 -14.71 -11.98 16.78
CA GLY B 121 -13.52 -12.71 16.39
C GLY B 121 -12.68 -11.98 15.37
N VAL B 122 -13.34 -11.32 14.40
CA VAL B 122 -12.61 -10.55 13.40
C VAL B 122 -11.88 -9.38 14.05
N ALA B 123 -12.54 -8.70 14.99
CA ALA B 123 -11.90 -7.58 15.68
C ALA B 123 -10.69 -8.01 16.46
N LEU B 124 -10.78 -9.14 17.16
CA LEU B 124 -9.62 -9.67 17.89
C LEU B 124 -8.51 -10.06 16.93
N TYR B 125 -8.86 -10.70 15.81
CA TYR B 125 -7.86 -11.09 14.84
C TYR B 125 -7.22 -9.88 14.17
N ALA B 126 -8.03 -8.85 13.89
CA ALA B 126 -7.48 -7.63 13.31
C ALA B 126 -6.56 -6.90 14.28
N VAL B 127 -6.91 -6.90 15.57
CA VAL B 127 -6.08 -6.24 16.57
C VAL B 127 -4.73 -6.96 16.70
N ALA B 128 -4.77 -8.29 16.72
CA ALA B 128 -3.52 -9.05 16.84
C ALA B 128 -2.61 -8.79 15.65
N PHE B 129 -3.17 -8.73 14.45
CA PHE B 129 -2.36 -8.44 13.26
C PHE B 129 -1.76 -7.04 13.34
N ALA B 130 -2.54 -6.06 13.77
CA ALA B 130 -2.05 -4.68 13.81
C ALA B 130 -0.91 -4.54 14.79
N TRP B 131 -0.98 -5.23 15.93
CA TRP B 131 0.12 -5.19 16.90
C TRP B 131 1.39 -5.80 16.31
N VAL B 132 1.27 -6.93 15.63
CA VAL B 132 2.45 -7.60 15.09
C VAL B 132 3.04 -6.81 13.93
N LEU B 133 2.17 -6.28 13.06
CA LEU B 133 2.66 -5.49 11.93
C LEU B 133 3.37 -4.23 12.41
N SER B 134 2.88 -3.62 13.49
CA SER B 134 3.53 -2.44 14.05
C SER B 134 4.92 -2.77 14.57
N ILE B 135 5.08 -3.94 15.22
CA ILE B 135 6.39 -4.35 15.69
C ILE B 135 7.35 -4.56 14.52
N VAL B 136 6.86 -5.22 13.47
CA VAL B 136 7.70 -5.49 12.31
C VAL B 136 8.08 -4.18 11.61
N ALA B 137 7.11 -3.28 11.44
CA ALA B 137 7.39 -2.02 10.76
C ALA B 137 8.33 -1.13 11.57
N ALA B 138 8.34 -1.27 12.89
CA ALA B 138 9.22 -0.48 13.74
C ALA B 138 10.59 -1.11 13.94
N VAL B 139 10.79 -2.35 13.46
CA VAL B 139 12.11 -2.97 13.56
C VAL B 139 13.18 -2.18 12.80
N PRO B 140 12.97 -1.74 11.56
CA PRO B 140 14.03 -0.97 10.88
C PRO B 140 14.46 0.28 11.63
N THR B 141 13.52 0.95 12.30
CA THR B 141 13.86 2.14 13.08
C THR B 141 14.68 1.81 14.32
N ALA B 142 14.49 0.62 14.91
CA ALA B 142 15.28 0.25 16.08
C ALA B 142 16.72 -0.09 15.73
N ALA B 143 17.01 -0.31 14.45
CA ALA B 143 18.37 -0.59 14.00
C ALA B 143 19.06 0.61 13.38
N THR B 144 18.42 1.79 13.42
CA THR B 144 19.02 2.99 12.84
C THR B 144 18.92 4.22 13.73
N GLY B 145 18.34 4.10 14.93
CA GLY B 145 18.24 5.25 15.81
C GLY B 145 19.59 5.73 16.29
N SER B 146 19.66 7.02 16.61
CA SER B 146 20.90 7.63 17.07
C SER B 146 20.57 8.85 17.91
N LEU B 147 21.57 9.31 18.66
CA LEU B 147 21.40 10.43 19.56
C LEU B 147 21.28 11.74 18.79
N ASP B 148 20.53 12.68 19.36
CA ASP B 148 20.45 14.03 18.83
C ASP B 148 21.56 14.88 19.44
N TYR B 149 22.17 15.74 18.61
CA TYR B 149 23.26 16.58 19.07
C TYR B 149 22.93 18.07 19.05
N ARG B 150 21.99 18.51 18.22
CA ARG B 150 21.48 19.87 18.33
C ARG B 150 20.70 20.04 19.63
N TRP B 151 19.69 19.20 19.83
CA TRP B 151 19.01 19.07 21.10
C TRP B 151 19.52 17.82 21.82
N LEU B 152 19.03 17.63 23.05
CA LEU B 152 19.46 16.52 23.88
C LEU B 152 18.46 15.37 23.88
N GLY B 153 17.77 15.16 22.76
CA GLY B 153 16.79 14.10 22.67
C GLY B 153 17.22 12.91 21.85
N CYS B 154 16.25 12.19 21.29
CA CYS B 154 16.52 11.01 20.46
C CYS B 154 15.76 11.15 19.15
N GLN B 155 16.46 10.96 18.03
CA GLN B 155 15.84 11.14 16.72
C GLN B 155 16.66 10.39 15.67
N ILE B 156 15.96 9.89 14.66
CA ILE B 156 16.59 9.11 13.60
C ILE B 156 17.47 10.02 12.75
N PRO B 157 18.67 9.60 12.38
CA PRO B 157 19.58 10.48 11.64
C PRO B 157 18.99 10.95 10.31
N ILE B 158 19.47 12.13 9.87
CA ILE B 158 18.95 12.77 8.68
C ILE B 158 19.19 11.94 7.42
N GLN B 159 20.23 11.11 7.40
CA GLN B 159 20.50 10.29 6.23
C GLN B 159 19.43 9.24 5.99
N TYR B 160 18.67 8.87 7.03
CA TYR B 160 17.56 7.95 6.91
C TYR B 160 16.21 8.64 6.91
N ALA B 161 16.18 9.97 6.77
CA ALA B 161 14.92 10.70 6.81
C ALA B 161 14.02 10.35 5.65
N ALA B 162 14.60 10.16 4.46
CA ALA B 162 13.78 9.83 3.29
C ALA B 162 13.09 8.48 3.46
N VAL B 163 13.81 7.50 4.00
CA VAL B 163 13.20 6.19 4.24
C VAL B 163 12.17 6.28 5.36
N ASP B 164 12.43 7.09 6.38
CA ASP B 164 11.50 7.23 7.50
C ASP B 164 10.19 7.85 7.03
N LEU B 165 10.26 8.87 6.17
CA LEU B 165 9.04 9.51 5.67
C LEU B 165 8.21 8.54 4.84
N THR B 166 8.88 7.72 4.02
CA THR B 166 8.16 6.80 3.14
C THR B 166 7.33 5.81 3.95
N ILE B 167 7.92 5.23 5.00
CA ILE B 167 7.20 4.28 5.83
C ILE B 167 6.06 4.97 6.58
N LYS B 168 6.34 6.16 7.14
CA LYS B 168 5.32 6.89 7.88
C LYS B 168 4.18 7.33 6.97
N MET B 169 4.50 7.79 5.76
CA MET B 169 3.46 8.26 4.85
C MET B 169 2.50 7.14 4.47
N TRP B 170 3.03 5.94 4.17
CA TRP B 170 2.17 4.82 3.81
C TRP B 170 1.37 4.33 5.02
N PHE B 171 2.01 4.31 6.19
CA PHE B 171 1.38 3.72 7.37
C PHE B 171 0.34 4.64 7.99
N LEU B 172 0.55 5.95 7.93
CA LEU B 172 -0.35 6.92 8.56
C LEU B 172 -1.39 7.49 7.61
N LEU B 173 -1.03 7.73 6.35
CA LEU B 173 -1.95 8.34 5.41
C LEU B 173 -2.05 7.61 4.08
N GLY B 174 -1.07 6.80 3.71
CA GLY B 174 -1.09 6.14 2.43
C GLY B 174 -2.12 5.03 2.35
N ALA B 175 -1.94 3.98 3.15
CA ALA B 175 -2.83 2.83 3.14
C ALA B 175 -4.13 3.06 3.91
N PRO B 176 -4.10 3.56 5.15
CA PRO B 176 -5.36 3.64 5.92
C PRO B 176 -6.41 4.54 5.29
N MET B 177 -6.01 5.61 4.61
CA MET B 177 -7.00 6.56 4.13
C MET B 177 -7.35 6.34 2.66
N ILE B 178 -6.54 5.59 1.93
CA ILE B 178 -6.97 5.12 0.61
C ILE B 178 -8.06 4.07 0.75
N ALA B 179 -7.90 3.15 1.71
CA ALA B 179 -8.92 2.15 1.95
C ALA B 179 -10.20 2.79 2.47
N VAL B 180 -10.08 3.80 3.34
CA VAL B 180 -11.26 4.49 3.84
C VAL B 180 -11.96 5.26 2.72
N LEU B 181 -11.18 5.95 1.89
CA LEU B 181 -11.78 6.71 0.79
C LEU B 181 -12.43 5.79 -0.23
N ALA B 182 -11.82 4.63 -0.49
CA ALA B 182 -12.43 3.68 -1.43
C ALA B 182 -13.76 3.16 -0.89
N ASN B 183 -13.84 2.87 0.40
CA ASN B 183 -15.09 2.41 0.99
C ASN B 183 -16.14 3.51 1.00
N VAL B 184 -15.73 4.74 1.34
CA VAL B 184 -16.68 5.85 1.40
C VAL B 184 -17.23 6.16 0.01
N VAL B 185 -16.38 6.12 -1.01
CA VAL B 185 -16.83 6.41 -2.38
C VAL B 185 -17.90 5.40 -2.81
N GLU B 186 -17.66 4.12 -2.55
CA GLU B 186 -18.67 3.12 -2.83
C GLU B 186 -19.92 3.31 -1.97
N LEU B 187 -19.73 3.67 -0.69
CA LEU B 187 -20.86 3.89 0.20
C LEU B 187 -21.69 5.10 -0.22
N ALA B 188 -21.07 6.07 -0.89
CA ALA B 188 -21.77 7.29 -1.26
C ALA B 188 -22.85 7.08 -2.31
N TYR B 189 -22.73 6.04 -3.13
CA TYR B 189 -23.69 5.76 -4.18
C TYR B 189 -24.60 4.58 -3.88
N SER B 190 -24.55 4.05 -2.67
CA SER B 190 -25.36 2.89 -2.31
C SER B 190 -26.64 3.31 -1.60
N ASP B 191 -27.56 2.36 -1.47
CA ASP B 191 -28.79 2.61 -0.74
C ASP B 191 -28.55 2.77 0.76
N ARG B 192 -27.52 2.12 1.29
CA ARG B 192 -27.14 2.24 2.71
C ARG B 192 -26.27 3.48 2.89
N ARG B 193 -26.90 4.64 2.72
CA ARG B 193 -26.20 5.92 2.68
C ARG B 193 -26.78 6.99 3.59
N ASP B 194 -28.07 6.92 3.92
CA ASP B 194 -28.72 8.03 4.61
C ASP B 194 -28.10 8.32 5.96
N HIS B 195 -27.78 7.29 6.73
CA HIS B 195 -27.34 7.46 8.12
C HIS B 195 -25.84 7.21 8.30
N VAL B 196 -25.05 7.55 7.28
CA VAL B 196 -23.59 7.40 7.36
C VAL B 196 -22.84 8.71 7.22
N TRP B 197 -23.49 9.79 6.79
CA TRP B 197 -22.78 11.03 6.53
C TRP B 197 -22.38 11.75 7.82
N SER B 198 -23.08 11.50 8.92
CA SER B 198 -22.64 12.04 10.20
C SER B 198 -21.31 11.44 10.61
N TYR B 199 -21.14 10.14 10.38
CA TYR B 199 -19.87 9.49 10.70
C TYR B 199 -18.78 9.83 9.69
N VAL B 200 -19.16 10.00 8.42
CA VAL B 200 -18.16 10.32 7.40
C VAL B 200 -17.57 11.70 7.65
N GLY B 201 -18.37 12.63 8.16
CA GLY B 201 -17.83 13.94 8.51
C GLY B 201 -16.79 13.86 9.61
N ARG B 202 -16.90 12.85 10.48
CA ARG B 202 -15.93 12.70 11.56
C ARG B 202 -14.61 12.12 11.07
N VAL B 203 -14.67 11.23 10.08
CA VAL B 203 -13.43 10.63 9.57
C VAL B 203 -12.73 11.59 8.63
N CYS B 204 -13.45 12.55 8.07
CA CYS B 204 -12.82 13.55 7.20
C CYS B 204 -11.95 14.51 8.00
N THR B 205 -12.47 14.98 9.14
CA THR B 205 -11.68 15.89 9.98
C THR B 205 -10.59 15.15 10.74
N PHE B 206 -10.75 13.84 10.94
CA PHE B 206 -9.73 13.08 11.65
C PHE B 206 -8.46 12.94 10.82
N TYR B 207 -8.62 12.58 9.53
CA TYR B 207 -7.44 12.41 8.68
C TYR B 207 -6.83 13.74 8.30
N VAL B 208 -7.63 14.81 8.26
CA VAL B 208 -7.08 16.14 8.07
C VAL B 208 -6.21 16.52 9.27
N THR B 209 -6.69 16.22 10.48
CA THR B 209 -5.89 16.48 11.68
C THR B 209 -4.61 15.67 11.67
N CYS B 210 -4.69 14.39 11.29
CA CYS B 210 -3.48 13.57 11.17
C CYS B 210 -2.57 14.10 10.07
N LEU B 211 -3.16 14.59 8.98
CA LEU B 211 -2.35 15.12 7.88
C LEU B 211 -1.58 16.36 8.31
N MET B 212 -2.21 17.24 9.09
CA MET B 212 -1.57 18.49 9.46
C MET B 212 -0.65 18.35 10.67
N LEU B 213 -0.61 17.18 11.30
CA LEU B 213 0.27 16.97 12.44
C LEU B 213 1.52 16.18 12.09
N PHE B 214 1.42 15.21 11.18
CA PHE B 214 2.53 14.35 10.83
C PHE B 214 3.35 14.87 9.65
N VAL B 215 2.69 15.48 8.67
CA VAL B 215 3.39 15.92 7.47
C VAL B 215 4.46 16.97 7.77
N PRO B 216 4.19 18.04 8.54
CA PRO B 216 5.20 19.11 8.66
C PRO B 216 6.54 18.65 9.22
N TYR B 217 6.54 17.68 10.14
CA TYR B 217 7.80 17.27 10.76
C TYR B 217 8.65 16.43 9.82
N TYR B 218 8.10 15.31 9.33
CA TYR B 218 8.89 14.40 8.52
C TYR B 218 9.28 15.02 7.19
N CYS B 219 8.43 15.84 6.60
CA CYS B 219 8.79 16.53 5.37
C CYS B 219 9.95 17.50 5.60
N PHE B 220 9.94 18.21 6.73
CA PHE B 220 11.06 19.09 7.04
C PHE B 220 12.34 18.32 7.28
N ARG B 221 12.25 17.14 7.89
CA ARG B 221 13.44 16.33 8.14
C ARG B 221 14.14 15.94 6.83
N VAL B 222 13.37 15.55 5.82
CA VAL B 222 13.95 15.23 4.53
C VAL B 222 14.53 16.48 3.89
N LEU B 223 13.81 17.60 3.98
CA LEU B 223 14.27 18.84 3.33
C LEU B 223 15.51 19.41 4.01
N ARG B 224 15.72 19.10 5.29
CA ARG B 224 16.89 19.63 5.98
C ARG B 224 18.20 19.09 5.44
N GLY B 225 18.17 17.97 4.71
CA GLY B 225 19.38 17.42 4.13
C GLY B 225 19.95 18.24 3.00
N VAL B 226 19.15 19.09 2.37
CA VAL B 226 19.62 19.95 1.30
C VAL B 226 19.60 21.42 1.66
N LEU B 227 18.75 21.84 2.61
CA LEU B 227 18.76 23.23 3.04
C LEU B 227 19.95 23.56 3.93
N GLN B 228 20.52 22.56 4.60
CA GLN B 228 21.69 22.74 5.46
C GLN B 228 21.45 23.77 6.55
N GLY B 236 25.53 28.58 18.55
CA GLY B 236 24.21 28.35 19.10
C GLY B 236 23.19 27.92 18.05
N PHE B 237 21.93 27.91 18.44
CA PHE B 237 20.86 27.52 17.53
C PHE B 237 20.64 28.60 16.47
N GLY B 238 20.12 28.16 15.33
CA GLY B 238 19.80 29.11 14.25
C GLY B 238 18.35 28.97 13.86
N ILE B 239 17.97 29.61 12.76
CA ILE B 239 16.58 29.56 12.34
C ILE B 239 16.18 28.15 11.94
N MET B 240 17.10 27.38 11.35
CA MET B 240 16.79 26.01 10.94
C MET B 240 16.64 25.08 12.14
N ASP B 241 17.16 25.46 13.30
CA ASP B 241 17.03 24.64 14.50
C ASP B 241 15.75 24.92 15.27
N TYR B 242 15.26 26.17 15.25
CA TYR B 242 14.04 26.49 15.96
C TYR B 242 12.81 26.00 15.21
N VAL B 243 12.85 26.02 13.87
CA VAL B 243 11.73 25.49 13.09
C VAL B 243 11.63 23.98 13.27
N GLU B 244 12.76 23.29 13.44
CA GLU B 244 12.73 21.87 13.73
C GLU B 244 12.01 21.61 15.06
N LEU B 245 12.31 22.42 16.07
CA LEU B 245 11.59 22.31 17.33
C LEU B 245 10.11 22.68 17.15
N ALA B 246 9.84 23.72 16.38
CA ALA B 246 8.45 24.15 16.18
C ALA B 246 7.64 23.08 15.48
N THR B 247 8.21 22.41 14.48
CA THR B 247 7.52 21.34 13.79
C THR B 247 7.57 20.02 14.54
N ARG B 248 8.37 19.92 15.60
CA ARG B 248 8.42 18.73 16.43
C ARG B 248 7.34 18.73 17.51
N THR B 249 7.03 19.90 18.08
CA THR B 249 5.97 19.97 19.07
C THR B 249 4.62 19.63 18.44
N LEU B 250 4.41 20.02 17.17
CA LEU B 250 3.19 19.65 16.48
C LEU B 250 3.00 18.14 16.46
N LEU B 251 4.10 17.39 16.30
CA LEU B 251 4.04 15.94 16.43
C LEU B 251 3.67 15.52 17.85
N THR B 252 4.19 16.20 18.86
CA THR B 252 3.89 15.87 20.25
C THR B 252 2.45 16.16 20.63
N MET B 253 1.82 17.16 20.00
CA MET B 253 0.42 17.47 20.30
C MET B 253 -0.53 16.37 19.86
N ARG B 254 -0.08 15.41 19.05
CA ARG B 254 -0.93 14.29 18.68
C ARG B 254 -1.31 13.43 19.88
N LEU B 255 -0.53 13.50 20.96
CA LEU B 255 -0.84 12.72 22.16
C LEU B 255 -2.03 13.27 22.92
N GLY B 256 -2.49 14.48 22.62
CA GLY B 256 -3.63 15.05 23.31
C GLY B 256 -4.83 15.24 22.41
N ILE B 257 -4.63 15.11 21.10
CA ILE B 257 -5.70 15.27 20.12
C ILE B 257 -6.25 13.92 19.67
N LEU B 258 -5.36 12.97 19.37
CA LEU B 258 -5.81 11.64 18.95
C LEU B 258 -6.67 10.93 20.00
N PRO B 259 -6.33 10.93 21.29
CA PRO B 259 -7.22 10.27 22.27
C PRO B 259 -8.63 10.83 22.27
N LEU B 260 -8.81 12.10 21.92
CA LEU B 260 -10.15 12.66 21.84
C LEU B 260 -10.96 12.05 20.72
N PHE B 261 -10.31 11.46 19.71
CA PHE B 261 -11.00 10.84 18.59
C PHE B 261 -11.44 9.41 18.87
N ILE B 262 -11.00 8.82 19.98
CA ILE B 262 -11.47 7.48 20.34
C ILE B 262 -12.96 7.51 20.62
N ILE B 263 -13.42 8.50 21.39
CA ILE B 263 -14.84 8.66 21.65
C ILE B 263 -15.58 9.12 20.39
N ALA B 264 -14.95 9.97 19.58
CA ALA B 264 -15.61 10.47 18.38
C ALA B 264 -15.98 9.33 17.42
N PHE B 265 -15.25 8.23 17.47
CA PHE B 265 -15.54 7.05 16.66
C PHE B 265 -16.21 5.95 17.45
N PHE B 266 -16.64 6.23 18.68
CA PHE B 266 -17.20 5.18 19.54
C PHE B 266 -18.50 4.63 18.98
N SER B 267 -19.38 5.50 18.48
CA SER B 267 -20.67 5.07 17.96
C SER B 267 -21.18 6.12 16.98
N ARG B 268 -22.45 6.02 16.62
CA ARG B 268 -23.03 6.95 15.65
C ARG B 268 -23.08 8.38 16.19
N GLU B 269 -23.61 8.54 17.39
CA GLU B 269 -23.72 9.85 18.04
C GLU B 269 -23.16 9.74 19.45
N PRO B 270 -21.82 9.74 19.60
CA PRO B 270 -21.24 9.59 20.94
C PRO B 270 -21.60 10.71 21.90
N THR B 271 -21.80 11.93 21.40
CA THR B 271 -22.10 13.05 22.27
C THR B 271 -23.48 12.92 22.90
N LYS B 272 -24.38 12.15 22.29
CA LYS B 272 -25.70 11.92 22.85
C LYS B 272 -25.73 10.71 23.77
N ASP B 273 -25.01 9.64 23.42
CA ASP B 273 -24.95 8.47 24.28
C ASP B 273 -24.17 8.77 25.55
N LEU B 274 -23.14 9.62 25.47
CA LEU B 274 -22.35 9.96 26.64
C LEU B 274 -23.19 10.70 27.67
N ASP B 275 -24.06 11.61 27.22
CA ASP B 275 -24.91 12.35 28.15
C ASP B 275 -25.84 11.43 28.91
N ASP B 276 -26.44 10.46 28.22
CA ASP B 276 -27.31 9.50 28.88
C ASP B 276 -26.54 8.65 29.88
N SER B 277 -25.33 8.22 29.52
CA SER B 277 -24.52 7.42 30.42
C SER B 277 -24.12 8.22 31.66
N PHE B 278 -23.72 9.48 31.47
CA PHE B 278 -23.30 10.29 32.61
C PHE B 278 -24.48 10.67 33.50
N ASP B 279 -25.62 11.00 32.89
CA ASP B 279 -26.80 11.35 33.68
C ASP B 279 -27.28 10.19 34.53
N TYR B 280 -27.28 8.98 33.97
CA TYR B 280 -27.70 7.81 34.75
C TYR B 280 -26.64 7.41 35.77
N LEU B 281 -25.36 7.67 35.47
CA LEU B 281 -24.30 7.34 36.40
C LEU B 281 -24.41 8.15 37.69
N VAL B 282 -24.71 9.45 37.57
CA VAL B 282 -24.76 10.30 38.75
C VAL B 282 -26.10 10.18 39.48
N GLU B 283 -27.09 9.55 38.87
CA GLU B 283 -28.40 9.46 39.51
C GLU B 283 -28.45 8.34 40.55
N ARG B 284 -28.33 7.09 40.11
CA ARG B 284 -28.34 5.95 41.00
C ARG B 284 -27.04 5.16 40.97
N CYS B 285 -26.58 4.75 39.79
CA CYS B 285 -25.36 3.98 39.66
C CYS B 285 -24.57 4.42 38.43
N SER C 1 27.73 15.57 -30.35
CA SER C 1 26.65 16.36 -29.77
C SER C 1 25.48 16.46 -30.74
N ALA C 2 25.65 15.91 -31.94
CA ALA C 2 24.57 15.92 -32.92
C ALA C 2 23.39 15.09 -32.45
N ASP C 3 23.63 13.93 -31.85
CA ASP C 3 22.54 13.12 -31.33
C ASP C 3 21.86 13.80 -30.16
N ARG C 4 22.61 14.56 -29.36
CA ARG C 4 22.03 15.28 -28.23
C ARG C 4 21.02 16.31 -28.71
N ALA C 5 21.34 17.03 -29.79
CA ALA C 5 20.41 18.00 -30.35
C ALA C 5 19.18 17.31 -30.93
N ALA C 6 19.36 16.14 -31.53
CA ALA C 6 18.23 15.40 -32.08
C ALA C 6 17.27 14.95 -30.97
N SER C 7 17.83 14.52 -29.83
CA SER C 7 16.97 14.14 -28.71
C SER C 7 16.19 15.34 -28.19
N ASP C 8 16.80 16.53 -28.20
CA ASP C 8 16.10 17.74 -27.78
C ASP C 8 14.93 18.03 -28.70
N LEU C 9 15.12 17.85 -30.02
CA LEU C 9 14.03 18.10 -30.96
C LEU C 9 12.91 17.08 -30.79
N LEU C 10 13.26 15.81 -30.60
CA LEU C 10 12.25 14.77 -30.45
C LEU C 10 11.40 14.99 -29.21
N ILE C 11 12.04 15.32 -28.08
CA ILE C 11 11.29 15.57 -26.86
C ILE C 11 10.44 16.83 -27.00
N GLY C 12 11.00 17.88 -27.58
CA GLY C 12 10.23 19.10 -27.78
C GLY C 12 9.04 18.91 -28.70
N MET C 13 9.22 18.10 -29.76
CA MET C 13 8.10 17.81 -30.66
C MET C 13 6.99 17.06 -29.94
N PHE C 14 7.35 16.10 -29.08
CA PHE C 14 6.35 15.35 -28.33
C PHE C 14 5.57 16.26 -27.39
N GLY C 15 6.27 17.19 -26.73
CA GLY C 15 5.58 18.10 -25.83
C GLY C 15 4.65 19.06 -26.54
N SER C 16 5.08 19.58 -27.70
CA SER C 16 4.20 20.44 -28.49
C SER C 16 2.97 19.67 -28.97
N VAL C 17 3.17 18.42 -29.39
CA VAL C 17 2.04 17.57 -29.74
C VAL C 17 1.16 17.31 -28.51
N SER C 18 1.80 17.03 -27.37
CA SER C 18 1.05 16.79 -26.14
C SER C 18 0.32 18.03 -25.67
N LEU C 19 0.95 19.20 -25.82
CA LEU C 19 0.30 20.46 -25.42
C LEU C 19 -0.95 20.71 -26.24
N VAL C 20 -0.89 20.44 -27.56
CA VAL C 20 -2.08 20.59 -28.40
C VAL C 20 -3.15 19.59 -27.98
N ASN C 21 -2.76 18.36 -27.66
CA ASN C 21 -3.72 17.36 -27.22
C ASN C 21 -4.42 17.78 -25.94
N LEU C 22 -3.66 18.31 -24.97
CA LEU C 22 -4.26 18.74 -23.72
C LEU C 22 -5.24 19.89 -23.93
N LEU C 23 -4.90 20.84 -24.81
CA LEU C 23 -5.83 21.91 -25.11
C LEU C 23 -7.09 21.38 -25.77
N THR C 24 -6.96 20.34 -26.59
CA THR C 24 -8.13 19.69 -27.17
C THR C 24 -9.00 19.06 -26.08
N ILE C 25 -8.36 18.44 -25.08
CA ILE C 25 -9.11 17.86 -23.98
C ILE C 25 -9.84 18.94 -23.19
N ILE C 26 -9.18 20.07 -22.97
CA ILE C 26 -9.81 21.20 -22.28
C ILE C 26 -11.02 21.69 -23.08
N GLY C 27 -10.84 21.84 -24.40
CA GLY C 27 -11.96 22.22 -25.24
C GLY C 27 -13.05 21.17 -25.28
N CYS C 28 -12.66 19.90 -25.34
CA CYS C 28 -13.64 18.81 -25.34
C CYS C 28 -14.41 18.77 -24.03
N LEU C 29 -13.73 18.99 -22.90
CA LEU C 29 -14.42 19.02 -21.61
C LEU C 29 -15.35 20.22 -21.52
N TRP C 30 -14.97 21.36 -22.12
CA TRP C 30 -15.82 22.54 -22.08
C TRP C 30 -17.13 22.32 -22.81
N VAL C 31 -17.07 21.70 -24.00
CA VAL C 31 -18.28 21.45 -24.77
C VAL C 31 -19.09 20.28 -24.23
N LEU C 32 -18.55 19.51 -23.28
CA LEU C 32 -19.27 18.41 -22.67
C LEU C 32 -20.14 18.85 -21.51
N ARG C 33 -20.14 20.13 -21.16
CA ARG C 33 -20.94 20.62 -20.04
C ARG C 33 -22.43 20.69 -20.38
N VAL C 34 -22.79 20.70 -21.67
CA VAL C 34 -24.20 20.74 -22.04
C VAL C 34 -24.89 19.46 -21.61
N THR C 35 -24.25 18.31 -21.81
CA THR C 35 -24.71 17.05 -21.24
C THR C 35 -24.28 17.06 -19.77
N ARG C 36 -25.15 17.61 -18.92
CA ARG C 36 -24.86 17.93 -17.53
C ARG C 36 -24.20 16.77 -16.80
N PRO C 37 -22.91 16.89 -16.47
CA PRO C 37 -22.23 15.85 -15.71
C PRO C 37 -22.32 16.11 -14.22
N PRO C 38 -22.12 15.10 -13.40
CA PRO C 38 -22.09 15.32 -11.95
C PRO C 38 -20.89 16.18 -11.55
N VAL C 39 -21.05 16.91 -10.46
CA VAL C 39 -19.98 17.74 -9.95
C VAL C 39 -18.77 16.90 -9.57
N SER C 40 -19.00 15.66 -9.14
CA SER C 40 -17.88 14.77 -8.81
C SER C 40 -17.00 14.52 -10.01
N VAL C 41 -17.59 14.28 -11.18
CA VAL C 41 -16.82 14.09 -12.40
C VAL C 41 -16.09 15.38 -12.77
N MET C 42 -16.77 16.53 -12.64
CA MET C 42 -16.16 17.80 -13.00
C MET C 42 -14.96 18.11 -12.13
N ILE C 43 -15.04 17.82 -10.83
CA ILE C 43 -13.94 18.09 -9.92
C ILE C 43 -12.73 17.23 -10.29
N PHE C 44 -12.95 15.94 -10.54
CA PHE C 44 -11.84 15.04 -10.82
C PHE C 44 -11.23 15.34 -12.18
N THR C 45 -12.05 15.57 -13.20
CA THR C 45 -11.52 15.79 -14.55
C THR C 45 -10.74 17.09 -14.63
N TRP C 46 -11.24 18.17 -14.03
CA TRP C 46 -10.54 19.45 -14.10
C TRP C 46 -9.24 19.42 -13.30
N ASN C 47 -9.24 18.73 -12.16
CA ASN C 47 -8.00 18.58 -11.41
C ASN C 47 -7.01 17.70 -12.17
N LEU C 48 -7.51 16.74 -12.95
CA LEU C 48 -6.62 15.96 -13.81
C LEU C 48 -5.96 16.84 -14.86
N VAL C 49 -6.73 17.74 -15.47
CA VAL C 49 -6.19 18.61 -16.50
C VAL C 49 -5.09 19.50 -15.92
N LEU C 50 -5.29 20.02 -14.71
CA LEU C 50 -4.26 20.83 -14.07
C LEU C 50 -3.01 20.02 -13.81
N SER C 51 -3.17 18.75 -13.39
CA SER C 51 -2.01 17.91 -13.11
C SER C 51 -1.22 17.61 -14.38
N GLN C 52 -1.91 17.35 -15.50
CA GLN C 52 -1.20 17.10 -16.76
C GLN C 52 -0.42 18.33 -17.20
N PHE C 53 -0.98 19.53 -16.99
CA PHE C 53 -0.27 20.75 -17.38
C PHE C 53 1.02 20.90 -16.57
N PHE C 54 0.98 20.57 -15.28
CA PHE C 54 2.20 20.60 -14.47
C PHE C 54 3.23 19.60 -14.98
N SER C 55 2.79 18.39 -15.32
CA SER C 55 3.71 17.38 -15.79
C SER C 55 4.30 17.76 -17.15
N ILE C 56 3.48 18.32 -18.04
CA ILE C 56 3.97 18.73 -19.36
C ILE C 56 4.99 19.85 -19.22
N LEU C 57 4.68 20.85 -18.39
CA LEU C 57 5.58 21.99 -18.22
C LEU C 57 6.89 21.57 -17.56
N ALA C 58 6.81 20.70 -16.54
CA ALA C 58 8.02 20.31 -15.82
C ALA C 58 8.89 19.38 -16.65
N THR C 59 8.27 18.53 -17.49
CA THR C 59 9.05 17.60 -18.30
C THR C 59 9.94 18.34 -19.29
N MET C 60 9.42 19.40 -19.92
CA MET C 60 10.22 20.15 -20.88
C MET C 60 11.37 20.87 -20.18
N LEU C 61 11.13 21.41 -18.98
CA LEU C 61 12.21 22.00 -18.21
C LEU C 61 13.19 20.92 -17.75
N SER C 62 12.69 19.72 -17.44
CA SER C 62 13.57 18.62 -17.06
C SER C 62 14.48 18.21 -18.20
N LYS C 63 13.96 18.16 -19.43
CA LYS C 63 14.78 17.81 -20.59
C LYS C 63 15.70 18.94 -21.03
N GLY C 64 15.57 20.12 -20.44
CA GLY C 64 16.39 21.25 -20.84
C GLY C 64 16.12 21.75 -22.25
N ILE C 65 14.84 21.88 -22.62
CA ILE C 65 14.50 22.36 -23.95
C ILE C 65 15.01 23.78 -24.15
N MET C 66 14.83 24.65 -23.15
CA MET C 66 15.24 26.04 -23.25
C MET C 66 16.01 26.55 -22.04
N LEU C 67 16.27 25.72 -21.03
CA LEU C 67 16.97 26.14 -19.83
C LEU C 67 18.39 25.60 -19.75
N ARG C 68 18.96 25.14 -20.87
CA ARG C 68 20.32 24.65 -20.87
C ARG C 68 21.29 25.79 -20.57
N GLY C 69 22.29 25.49 -19.71
CA GLY C 69 23.25 26.49 -19.33
C GLY C 69 22.99 27.05 -17.94
N ALA C 70 21.71 27.28 -17.63
CA ALA C 70 21.30 27.79 -16.33
C ALA C 70 20.74 26.71 -15.42
N LEU C 71 20.80 25.44 -15.83
CA LEU C 71 20.24 24.35 -15.05
C LEU C 71 21.23 23.95 -13.96
N ASN C 72 21.06 24.54 -12.78
CA ASN C 72 21.90 24.24 -11.64
C ASN C 72 21.21 23.19 -10.77
N LEU C 73 21.83 22.88 -9.63
CA LEU C 73 21.23 21.90 -8.71
C LEU C 73 19.91 22.40 -8.14
N SER C 74 19.84 23.69 -7.80
CA SER C 74 18.61 24.23 -7.23
C SER C 74 17.46 24.15 -8.22
N LEU C 75 17.72 24.49 -9.48
CA LEU C 75 16.68 24.38 -10.50
C LEU C 75 16.35 22.92 -10.81
N CYS C 76 17.37 22.06 -10.78
CA CYS C 76 17.15 20.65 -11.09
C CYS C 76 16.25 19.99 -10.05
N ARG C 77 16.47 20.29 -8.77
CA ARG C 77 15.64 19.72 -7.71
C ARG C 77 14.21 20.23 -7.80
N LEU C 78 14.04 21.52 -8.09
CA LEU C 78 12.69 22.08 -8.18
C LEU C 78 11.91 21.48 -9.35
N VAL C 79 12.56 21.33 -10.50
CA VAL C 79 11.88 20.79 -11.67
C VAL C 79 11.47 19.34 -11.45
N LEU C 80 12.38 18.53 -10.89
CA LEU C 80 12.06 17.13 -10.63
C LEU C 80 10.94 16.99 -9.61
N PHE C 81 10.88 17.91 -8.65
CA PHE C 81 9.80 17.89 -7.66
C PHE C 81 8.45 18.14 -8.32
N VAL C 82 8.39 19.13 -9.22
CA VAL C 82 7.12 19.46 -9.86
C VAL C 82 6.66 18.33 -10.77
N ASP C 83 7.60 17.68 -11.46
CA ASP C 83 7.24 16.62 -12.39
C ASP C 83 6.58 15.45 -11.66
N ASP C 84 7.11 15.07 -10.49
CA ASP C 84 6.52 13.98 -9.74
C ASP C 84 5.20 14.38 -9.11
N VAL C 85 5.02 15.66 -8.75
CA VAL C 85 3.75 16.11 -8.19
C VAL C 85 2.63 15.89 -9.21
N GLY C 86 2.87 16.28 -10.46
CA GLY C 86 1.91 15.97 -11.51
C GLY C 86 1.81 14.48 -11.79
N LEU C 87 2.94 13.77 -11.69
CA LEU C 87 2.94 12.34 -11.96
C LEU C 87 2.18 11.57 -10.89
N TYR C 88 2.36 11.96 -9.62
CA TYR C 88 1.67 11.27 -8.53
C TYR C 88 0.20 11.65 -8.48
N SER C 89 -0.11 12.94 -8.75
CA SER C 89 -1.50 13.38 -8.72
C SER C 89 -2.33 12.69 -9.77
N THR C 90 -1.78 12.50 -10.97
CA THR C 90 -2.51 11.87 -12.05
C THR C 90 -2.91 10.45 -11.68
N ALA C 91 -1.99 9.70 -11.04
CA ALA C 91 -2.31 8.34 -10.61
C ALA C 91 -3.43 8.34 -9.58
N LEU C 92 -3.39 9.29 -8.64
CA LEU C 92 -4.42 9.34 -7.61
C LEU C 92 -5.75 9.85 -8.15
N PHE C 93 -5.70 10.88 -9.01
CA PHE C 93 -6.93 11.42 -9.58
C PHE C 93 -7.62 10.39 -10.47
N PHE C 94 -6.83 9.65 -11.26
CA PHE C 94 -7.41 8.62 -12.11
C PHE C 94 -8.00 7.49 -11.27
N LEU C 95 -7.34 7.13 -10.17
CA LEU C 95 -7.87 6.09 -9.30
C LEU C 95 -9.20 6.50 -8.69
N PHE C 96 -9.30 7.74 -8.21
CA PHE C 96 -10.54 8.19 -7.58
C PHE C 96 -11.63 8.39 -8.62
N LEU C 97 -11.28 8.84 -9.82
CA LEU C 97 -12.27 8.98 -10.88
C LEU C 97 -12.82 7.62 -11.30
N ILE C 98 -11.95 6.61 -11.40
CA ILE C 98 -12.39 5.26 -11.76
C ILE C 98 -13.29 4.70 -10.67
N LEU C 99 -12.88 4.83 -9.40
CA LEU C 99 -13.67 4.29 -8.30
C LEU C 99 -15.01 4.99 -8.17
N ASP C 100 -15.03 6.32 -8.37
CA ASP C 100 -16.28 7.05 -8.30
C ASP C 100 -17.24 6.61 -9.39
N ARG C 101 -16.74 6.43 -10.61
CA ARG C 101 -17.60 6.09 -11.73
C ARG C 101 -18.03 4.61 -11.68
N LEU C 102 -17.14 3.73 -11.20
CA LEU C 102 -17.49 2.32 -11.10
C LEU C 102 -18.64 2.12 -10.11
N SER C 103 -18.60 2.83 -8.99
CA SER C 103 -19.68 2.72 -8.00
C SER C 103 -20.96 3.38 -8.50
N ALA C 104 -20.82 4.54 -9.16
CA ALA C 104 -22.00 5.27 -9.63
C ALA C 104 -22.73 4.50 -10.72
N ILE C 105 -21.99 3.96 -11.69
CA ILE C 105 -22.61 3.25 -12.80
C ILE C 105 -23.23 1.95 -12.33
N SER C 106 -22.57 1.26 -11.40
CA SER C 106 -23.06 -0.03 -10.92
C SER C 106 -24.41 0.12 -10.22
N TYR C 107 -24.58 1.17 -9.43
CA TYR C 107 -25.82 1.39 -8.71
C TYR C 107 -26.87 2.07 -9.55
N GLY C 108 -26.56 2.45 -10.79
CA GLY C 108 -27.53 3.07 -11.66
C GLY C 108 -27.72 4.56 -11.47
N ARG C 109 -26.86 5.21 -10.69
CA ARG C 109 -26.94 6.65 -10.45
C ARG C 109 -25.63 7.28 -10.88
N ASP C 110 -25.56 7.64 -12.17
CA ASP C 110 -24.38 8.29 -12.73
C ASP C 110 -24.70 9.59 -13.44
N LEU C 111 -25.95 10.03 -13.43
CA LEU C 111 -26.34 11.26 -14.11
C LEU C 111 -26.30 12.45 -13.15
N TRP C 112 -26.55 13.63 -13.70
CA TRP C 112 -26.49 14.85 -12.90
C TRP C 112 -27.56 14.87 -11.82
N HIS C 113 -28.77 14.41 -12.13
CA HIS C 113 -29.87 14.41 -11.19
C HIS C 113 -29.86 13.22 -10.26
N HIS C 114 -28.73 12.49 -10.19
CA HIS C 114 -28.61 11.33 -9.32
C HIS C 114 -27.56 11.52 -8.23
N GLU C 115 -26.92 12.68 -8.15
CA GLU C 115 -25.90 12.96 -7.15
C GLU C 115 -26.41 13.99 -6.16
N THR C 116 -25.86 13.92 -4.94
CA THR C 116 -26.24 14.81 -3.86
C THR C 116 -25.06 15.72 -3.51
N ARG C 117 -25.29 16.61 -2.55
CA ARG C 117 -24.21 17.48 -2.08
C ARG C 117 -23.10 16.68 -1.41
N GLU C 118 -23.46 15.59 -0.73
CA GLU C 118 -22.44 14.75 -0.09
C GLU C 118 -21.56 14.06 -1.12
N ASN C 119 -22.12 13.72 -2.28
CA ASN C 119 -21.31 13.13 -3.34
C ASN C 119 -20.23 14.09 -3.81
N ALA C 120 -20.58 15.37 -3.98
CA ALA C 120 -19.59 16.36 -4.41
C ALA C 120 -18.59 16.66 -3.29
N GLY C 121 -19.04 16.59 -2.04
CA GLY C 121 -18.14 16.86 -0.92
C GLY C 121 -17.02 15.85 -0.82
N VAL C 122 -17.33 14.57 -1.06
CA VAL C 122 -16.30 13.54 -1.03
C VAL C 122 -15.29 13.77 -2.15
N ALA C 123 -15.75 14.12 -3.35
CA ALA C 123 -14.85 14.35 -4.46
C ALA C 123 -13.91 15.52 -4.19
N LEU C 124 -14.44 16.60 -3.62
CA LEU C 124 -13.60 17.74 -3.27
C LEU C 124 -12.60 17.38 -2.20
N TYR C 125 -13.02 16.62 -1.19
CA TYR C 125 -12.13 16.25 -0.10
C TYR C 125 -11.12 15.20 -0.54
N ALA C 126 -11.51 14.33 -1.48
CA ALA C 126 -10.56 13.37 -2.02
C ALA C 126 -9.52 14.03 -2.90
N VAL C 127 -9.92 15.05 -3.65
CA VAL C 127 -8.98 15.78 -4.49
C VAL C 127 -7.96 16.54 -3.63
N ALA C 128 -8.43 17.16 -2.54
CA ALA C 128 -7.54 17.92 -1.68
C ALA C 128 -6.47 17.02 -1.08
N PHE C 129 -6.85 15.82 -0.63
CA PHE C 129 -5.86 14.88 -0.10
C PHE C 129 -4.88 14.43 -1.17
N ALA C 130 -5.37 14.14 -2.37
CA ALA C 130 -4.49 13.64 -3.43
C ALA C 130 -3.44 14.68 -3.80
N TRP C 131 -3.79 15.96 -3.74
CA TRP C 131 -2.81 17.01 -3.98
C TRP C 131 -1.76 17.06 -2.88
N VAL C 132 -2.20 16.92 -1.63
CA VAL C 132 -1.28 17.00 -0.49
C VAL C 132 -0.36 15.79 -0.45
N LEU C 133 -0.92 14.60 -0.70
CA LEU C 133 -0.10 13.39 -0.69
C LEU C 133 0.95 13.43 -1.79
N SER C 134 0.59 13.96 -2.98
CA SER C 134 1.54 14.07 -4.07
C SER C 134 2.70 15.00 -3.70
N ILE C 135 2.39 16.11 -3.04
CA ILE C 135 3.45 17.02 -2.60
C ILE C 135 4.37 16.34 -1.60
N VAL C 136 3.78 15.61 -0.65
CA VAL C 136 4.58 14.91 0.36
C VAL C 136 5.42 13.82 -0.28
N ALA C 137 4.83 13.04 -1.18
CA ALA C 137 5.56 11.95 -1.82
C ALA C 137 6.68 12.46 -2.72
N ALA C 138 6.53 13.66 -3.27
CA ALA C 138 7.56 14.25 -4.11
C ALA C 138 8.62 15.01 -3.33
N VAL C 139 8.43 15.18 -2.01
CA VAL C 139 9.44 15.84 -1.19
C VAL C 139 10.77 15.11 -1.20
N PRO C 140 10.83 13.78 -1.05
CA PRO C 140 12.14 13.10 -1.13
C PRO C 140 12.87 13.33 -2.45
N THR C 141 12.15 13.45 -3.56
CA THR C 141 12.81 13.69 -4.85
C THR C 141 13.53 15.02 -4.85
N ALA C 142 12.91 16.07 -4.31
CA ALA C 142 13.55 17.38 -4.26
C ALA C 142 14.82 17.37 -3.43
N ALA C 143 14.98 16.41 -2.53
CA ALA C 143 16.18 16.29 -1.71
C ALA C 143 17.23 15.37 -2.31
N THR C 144 16.97 14.80 -3.50
CA THR C 144 17.92 13.89 -4.10
C THR C 144 18.12 14.13 -5.60
N GLY C 145 17.49 15.15 -6.18
CA GLY C 145 17.69 15.43 -7.58
C GLY C 145 19.11 15.90 -7.87
N SER C 146 19.56 15.64 -9.10
CA SER C 146 20.90 16.02 -9.50
C SER C 146 20.92 16.22 -11.00
N LEU C 147 21.94 16.94 -11.47
CA LEU C 147 22.08 17.24 -12.89
C LEU C 147 22.55 16.01 -13.65
N ASP C 148 21.98 15.82 -14.84
CA ASP C 148 22.39 14.75 -15.73
C ASP C 148 23.68 15.14 -16.45
N TYR C 149 24.54 14.15 -16.69
CA TYR C 149 25.82 14.39 -17.33
C TYR C 149 26.00 13.65 -18.65
N ARG C 150 25.43 12.45 -18.80
CA ARG C 150 25.45 11.79 -20.10
C ARG C 150 24.63 12.60 -21.10
N TRP C 151 23.47 13.08 -20.68
CA TRP C 151 22.70 14.09 -21.40
C TRP C 151 22.76 15.40 -20.64
N LEU C 152 22.02 16.39 -21.13
CA LEU C 152 21.98 17.72 -20.52
C LEU C 152 20.64 18.00 -19.86
N GLY C 153 20.00 16.97 -19.32
CA GLY C 153 18.71 17.14 -18.68
C GLY C 153 18.78 17.05 -17.16
N CYS C 154 17.68 16.63 -16.54
CA CYS C 154 17.61 16.48 -15.09
C CYS C 154 17.10 15.09 -14.77
N GLN C 155 17.78 14.39 -13.87
CA GLN C 155 17.40 13.02 -13.55
C GLN C 155 18.03 12.61 -12.23
N ILE C 156 17.36 11.69 -11.54
CA ILE C 156 17.81 11.23 -10.22
C ILE C 156 19.06 10.38 -10.38
N PRO C 157 20.05 10.50 -9.50
CA PRO C 157 21.24 9.65 -9.60
C PRO C 157 20.91 8.19 -9.46
N ILE C 158 21.78 7.35 -10.04
CA ILE C 158 21.53 5.91 -10.09
C ILE C 158 21.57 5.27 -8.71
N GLN C 159 22.19 5.91 -7.73
CA GLN C 159 22.24 5.35 -6.38
C GLN C 159 20.87 5.38 -5.69
N TYR C 160 19.99 6.27 -6.12
CA TYR C 160 18.63 6.35 -5.58
C TYR C 160 17.59 5.73 -6.51
N ALA C 161 18.03 4.99 -7.52
CA ALA C 161 17.09 4.39 -8.47
C ALA C 161 16.20 3.36 -7.81
N ALA C 162 16.75 2.57 -6.88
CA ALA C 162 15.97 1.54 -6.21
C ALA C 162 14.84 2.16 -5.39
N VAL C 163 15.14 3.25 -4.68
CA VAL C 163 14.11 3.92 -3.89
C VAL C 163 13.09 4.59 -4.80
N ASP C 164 13.55 5.16 -5.93
CA ASP C 164 12.65 5.84 -6.84
C ASP C 164 11.65 4.86 -7.46
N LEU C 165 12.10 3.67 -7.85
CA LEU C 165 11.20 2.69 -8.44
C LEU C 165 10.16 2.22 -7.43
N THR C 166 10.57 2.04 -6.17
CA THR C 166 9.64 1.55 -5.16
C THR C 166 8.48 2.51 -4.94
N ILE C 167 8.79 3.81 -4.84
CA ILE C 167 7.73 4.80 -4.65
C ILE C 167 6.86 4.90 -5.90
N LYS C 168 7.49 4.89 -7.07
CA LYS C 168 6.72 4.99 -8.32
C LYS C 168 5.84 3.77 -8.52
N MET C 169 6.36 2.57 -8.23
CA MET C 169 5.59 1.36 -8.44
C MET C 169 4.33 1.33 -7.58
N TRP C 170 4.45 1.73 -6.31
CA TRP C 170 3.30 1.76 -5.42
C TRP C 170 2.28 2.81 -5.83
N PHE C 171 2.75 4.00 -6.19
CA PHE C 171 1.85 5.09 -6.53
C PHE C 171 1.13 4.89 -7.85
N LEU C 172 1.82 4.36 -8.86
CA LEU C 172 1.27 4.26 -10.20
C LEU C 172 0.48 2.98 -10.45
N LEU C 173 0.97 1.84 -9.97
CA LEU C 173 0.25 0.58 -10.16
C LEU C 173 0.19 -0.31 -8.94
N GLY C 174 0.84 0.06 -7.83
CA GLY C 174 0.80 -0.76 -6.65
C GLY C 174 -0.50 -0.63 -5.88
N ALA C 175 -0.79 0.57 -5.39
CA ALA C 175 -2.00 0.84 -4.63
C ALA C 175 -3.22 1.07 -5.51
N PRO C 176 -3.16 1.94 -6.53
CA PRO C 176 -4.40 2.24 -7.28
C PRO C 176 -5.04 1.03 -7.94
N MET C 177 -4.26 0.06 -8.42
CA MET C 177 -4.86 -1.05 -9.15
C MET C 177 -5.16 -2.24 -8.26
N ILE C 178 -4.49 -2.37 -7.11
CA ILE C 178 -4.94 -3.35 -6.12
C ILE C 178 -6.33 -2.99 -5.61
N ALA C 179 -6.55 -1.70 -5.33
CA ALA C 179 -7.87 -1.26 -4.92
C ALA C 179 -8.89 -1.41 -6.05
N VAL C 180 -8.48 -1.10 -7.28
CA VAL C 180 -9.39 -1.22 -8.42
C VAL C 180 -9.74 -2.68 -8.68
N LEU C 181 -8.74 -3.56 -8.65
CA LEU C 181 -8.98 -4.98 -8.89
C LEU C 181 -9.83 -5.59 -7.79
N ALA C 182 -9.64 -5.14 -6.54
CA ALA C 182 -10.45 -5.65 -5.44
C ALA C 182 -11.92 -5.25 -5.62
N ASN C 183 -12.17 -4.02 -6.06
CA ASN C 183 -13.55 -3.58 -6.31
C ASN C 183 -14.16 -4.31 -7.49
N VAL C 184 -13.38 -4.51 -8.56
CA VAL C 184 -13.91 -5.19 -9.74
C VAL C 184 -14.23 -6.64 -9.44
N VAL C 185 -13.36 -7.31 -8.66
CA VAL C 185 -13.59 -8.72 -8.33
C VAL C 185 -14.90 -8.88 -7.58
N GLU C 186 -15.15 -8.01 -6.60
CA GLU C 186 -16.43 -8.05 -5.90
C GLU C 186 -17.59 -7.67 -6.82
N LEU C 187 -17.36 -6.72 -7.73
CA LEU C 187 -18.40 -6.30 -8.66
C LEU C 187 -18.78 -7.41 -9.62
N ALA C 188 -17.82 -8.25 -10.02
CA ALA C 188 -18.09 -9.30 -11.00
C ALA C 188 -19.08 -10.34 -10.49
N TYR C 189 -19.22 -10.49 -9.18
CA TYR C 189 -20.10 -11.50 -8.60
C TYR C 189 -21.37 -10.92 -7.99
N SER C 190 -21.64 -9.64 -8.20
CA SER C 190 -22.80 -9.00 -7.61
C SER C 190 -23.91 -8.85 -8.64
N ASP C 191 -25.11 -8.52 -8.14
CA ASP C 191 -26.24 -8.26 -9.04
C ASP C 191 -26.05 -6.98 -9.84
N ARG C 192 -25.30 -6.01 -9.32
CA ARG C 192 -25.00 -4.76 -10.02
C ARG C 192 -23.78 -4.98 -10.92
N ARG C 193 -24.00 -5.80 -11.96
CA ARG C 193 -22.94 -6.25 -12.83
C ARG C 193 -23.23 -6.10 -14.32
N ASP C 194 -24.49 -6.08 -14.74
CA ASP C 194 -24.82 -6.14 -16.16
C ASP C 194 -24.27 -4.95 -16.92
N HIS C 195 -24.37 -3.75 -16.35
CA HIS C 195 -24.04 -2.52 -17.06
C HIS C 195 -22.75 -1.88 -16.54
N VAL C 196 -21.77 -2.70 -16.17
CA VAL C 196 -20.47 -2.19 -15.72
C VAL C 196 -19.31 -2.73 -16.54
N TRP C 197 -19.53 -3.71 -17.42
CA TRP C 197 -18.42 -4.35 -18.10
C TRP C 197 -17.86 -3.49 -19.23
N SER C 198 -18.65 -2.57 -19.77
CA SER C 198 -18.12 -1.61 -20.73
C SER C 198 -17.09 -0.70 -20.09
N TYR C 199 -17.35 -0.27 -18.84
CA TYR C 199 -16.40 0.57 -18.12
C TYR C 199 -15.20 -0.22 -17.64
N VAL C 200 -15.42 -1.46 -17.19
CA VAL C 200 -14.32 -2.28 -16.68
C VAL C 200 -13.34 -2.60 -17.80
N GLY C 201 -13.85 -2.80 -19.02
CA GLY C 201 -12.97 -3.02 -20.16
C GLY C 201 -12.15 -1.80 -20.49
N ARG C 202 -12.55 -0.63 -19.98
CA ARG C 202 -11.80 0.60 -20.25
C ARG C 202 -10.70 0.80 -19.22
N VAL C 203 -10.91 0.33 -17.99
CA VAL C 203 -9.88 0.50 -16.96
C VAL C 203 -8.81 -0.58 -17.11
N CYS C 204 -9.13 -1.68 -17.81
CA CYS C 204 -8.12 -2.72 -18.04
C CYS C 204 -7.09 -2.26 -19.05
N THR C 205 -7.53 -1.61 -20.13
CA THR C 205 -6.59 -1.13 -21.14
C THR C 205 -5.85 0.11 -20.67
N PHE C 206 -6.46 0.91 -19.79
CA PHE C 206 -5.78 2.09 -19.27
C PHE C 206 -4.59 1.69 -18.40
N TYR C 207 -4.78 0.73 -17.51
CA TYR C 207 -3.71 0.33 -16.61
C TYR C 207 -2.64 -0.48 -17.32
N VAL C 208 -3.01 -1.18 -18.41
CA VAL C 208 -2.00 -1.83 -19.24
C VAL C 208 -1.14 -0.76 -19.92
N THR C 209 -1.76 0.33 -20.38
CA THR C 209 -1.00 1.42 -20.97
C THR C 209 -0.05 2.04 -19.97
N CYS C 210 -0.51 2.25 -18.74
CA CYS C 210 0.38 2.77 -17.70
C CYS C 210 1.47 1.76 -17.36
N LEU C 211 1.16 0.47 -17.47
CA LEU C 211 2.14 -0.56 -17.16
C LEU C 211 3.28 -0.55 -18.17
N MET C 212 2.95 -0.35 -19.45
CA MET C 212 3.97 -0.43 -20.50
C MET C 212 4.68 0.90 -20.72
N LEU C 213 4.25 1.97 -20.06
CA LEU C 213 4.91 3.27 -20.20
C LEU C 213 5.84 3.59 -19.04
N PHE C 214 5.47 3.23 -17.81
CA PHE C 214 6.25 3.57 -16.63
C PHE C 214 7.30 2.51 -16.31
N VAL C 215 6.97 1.23 -16.48
CA VAL C 215 7.88 0.17 -16.05
C VAL C 215 9.22 0.21 -16.77
N PRO C 216 9.30 0.33 -18.11
CA PRO C 216 10.61 0.19 -18.77
C PRO C 216 11.66 1.20 -18.30
N TYR C 217 11.27 2.45 -18.04
CA TYR C 217 12.27 3.46 -17.71
C TYR C 217 12.86 3.24 -16.31
N TYR C 218 12.00 3.03 -15.31
CA TYR C 218 12.49 2.90 -13.95
C TYR C 218 13.16 1.54 -13.72
N CYS C 219 12.66 0.48 -14.36
CA CYS C 219 13.31 -0.82 -14.23
C CYS C 219 14.70 -0.80 -14.85
N PHE C 220 14.86 -0.13 -16.00
CA PHE C 220 16.17 -0.02 -16.61
C PHE C 220 17.14 0.78 -15.74
N ARG C 221 16.63 1.82 -15.08
CA ARG C 221 17.50 2.67 -14.27
C ARG C 221 18.13 1.88 -13.13
N VAL C 222 17.36 1.00 -12.48
CA VAL C 222 17.91 0.16 -11.44
C VAL C 222 18.91 -0.83 -12.02
N LEU C 223 18.56 -1.44 -13.16
CA LEU C 223 19.43 -2.44 -13.77
C LEU C 223 20.73 -1.83 -14.27
N ARG C 224 20.72 -0.54 -14.65
CA ARG C 224 21.93 0.09 -15.15
C ARG C 224 23.01 0.20 -14.09
N GLY C 225 22.66 0.07 -12.81
CA GLY C 225 23.65 0.11 -11.75
C GLY C 225 24.56 -1.10 -11.73
N VAL C 226 24.12 -2.23 -12.29
CA VAL C 226 24.95 -3.42 -12.34
C VAL C 226 25.37 -3.79 -13.76
N LEU C 227 24.64 -3.34 -14.78
CA LEU C 227 25.05 -3.59 -16.16
C LEU C 227 26.22 -2.70 -16.58
N GLN C 228 26.38 -1.54 -15.94
CA GLN C 228 27.48 -0.62 -16.23
C GLN C 228 27.49 -0.21 -17.70
N GLY C 236 32.08 8.81 -26.44
CA GLY C 236 30.77 9.08 -26.98
C GLY C 236 29.69 8.18 -26.40
N PHE C 237 28.48 8.30 -26.95
CA PHE C 237 27.37 7.48 -26.48
C PHE C 237 27.56 6.02 -26.88
N GLY C 238 27.04 5.14 -26.04
CA GLY C 238 27.11 3.70 -26.34
C GLY C 238 25.73 3.10 -26.37
N ILE C 239 25.66 1.78 -26.43
CA ILE C 239 24.36 1.12 -26.53
C ILE C 239 23.55 1.33 -25.26
N MET C 240 24.22 1.38 -24.09
CA MET C 240 23.53 1.56 -22.83
C MET C 240 22.99 2.98 -22.65
N ASP C 241 23.42 3.94 -23.46
CA ASP C 241 22.93 5.30 -23.37
C ASP C 241 21.78 5.57 -24.33
N TYR C 242 21.75 4.91 -25.49
CA TYR C 242 20.65 5.10 -26.43
C TYR C 242 19.39 4.40 -25.95
N VAL C 243 19.54 3.25 -25.30
CA VAL C 243 18.38 2.57 -24.74
C VAL C 243 17.77 3.39 -23.61
N GLU C 244 18.60 4.09 -22.83
CA GLU C 244 18.08 4.98 -21.81
C GLU C 244 17.25 6.09 -22.42
N LEU C 245 17.71 6.65 -23.54
CA LEU C 245 16.90 7.62 -24.27
C LEU C 245 15.64 6.97 -24.84
N ALA C 246 15.77 5.75 -25.39
CA ALA C 246 14.62 5.08 -25.97
C ALA C 246 13.58 4.75 -24.91
N THR C 247 14.02 4.34 -23.72
CA THR C 247 13.10 4.02 -22.64
C THR C 247 12.57 5.27 -21.93
N ARG C 248 13.12 6.44 -22.22
CA ARG C 248 12.65 7.68 -21.61
C ARG C 248 11.56 8.34 -22.44
N THR C 249 11.66 8.27 -23.77
CA THR C 249 10.61 8.83 -24.62
C THR C 249 9.28 8.12 -24.40
N LEU C 250 9.31 6.85 -23.98
CA LEU C 250 8.07 6.18 -23.58
C LEU C 250 7.44 6.87 -22.39
N LEU C 251 8.27 7.26 -21.41
CA LEU C 251 7.75 8.02 -20.27
C LEU C 251 7.21 9.37 -20.71
N THR C 252 7.92 10.05 -21.60
CA THR C 252 7.44 11.34 -22.11
C THR C 252 6.20 11.18 -22.97
N MET C 253 6.03 10.01 -23.61
CA MET C 253 4.86 9.75 -24.42
C MET C 253 3.58 9.68 -23.60
N ARG C 254 3.67 9.56 -22.27
CA ARG C 254 2.48 9.54 -21.43
C ARG C 254 1.74 10.87 -21.45
N LEU C 255 2.40 11.96 -21.82
CA LEU C 255 1.76 13.27 -21.84
C LEU C 255 0.75 13.41 -22.97
N GLY C 256 0.74 12.51 -23.95
CA GLY C 256 -0.20 12.59 -25.03
C GLY C 256 -1.21 11.45 -25.03
N ILE C 257 -0.98 10.46 -24.17
CA ILE C 257 -1.86 9.30 -24.07
C ILE C 257 -2.78 9.41 -22.86
N LEU C 258 -2.22 9.77 -21.71
CA LEU C 258 -3.03 9.92 -20.50
C LEU C 258 -4.15 10.95 -20.65
N PRO C 259 -3.94 12.14 -21.23
CA PRO C 259 -5.08 13.07 -21.38
C PRO C 259 -6.22 12.50 -22.21
N LEU C 260 -5.94 11.57 -23.13
CA LEU C 260 -7.01 10.94 -23.89
C LEU C 260 -7.90 10.07 -23.02
N PHE C 261 -7.44 9.65 -21.85
CA PHE C 261 -8.22 8.82 -20.95
C PHE C 261 -9.09 9.65 -20.00
N ILE C 262 -8.95 10.97 -19.98
CA ILE C 262 -9.83 11.80 -19.17
C ILE C 262 -11.26 11.72 -19.68
N ILE C 263 -11.43 11.79 -21.01
CA ILE C 263 -12.77 11.64 -21.58
C ILE C 263 -13.21 10.18 -21.58
N ALA C 264 -12.27 9.24 -21.66
CA ALA C 264 -12.63 7.82 -21.65
C ALA C 264 -13.34 7.45 -20.35
N PHE C 265 -12.94 8.04 -19.24
CA PHE C 265 -13.58 7.79 -17.94
C PHE C 265 -14.61 8.85 -17.59
N PHE C 266 -14.99 9.71 -18.54
CA PHE C 266 -15.90 10.80 -18.25
C PHE C 266 -17.29 10.28 -17.86
N SER C 267 -17.79 9.28 -18.57
CA SER C 267 -19.12 8.76 -18.30
C SER C 267 -19.18 7.31 -18.79
N ARG C 268 -20.40 6.77 -18.85
CA ARG C 268 -20.58 5.38 -19.27
C ARG C 268 -20.20 5.18 -20.73
N GLU C 269 -20.73 6.02 -21.62
CA GLU C 269 -20.44 5.96 -23.05
C GLU C 269 -20.07 7.35 -23.53
N PRO C 270 -18.83 7.79 -23.29
CA PRO C 270 -18.45 9.14 -23.70
C PRO C 270 -18.51 9.37 -25.20
N THR C 271 -18.24 8.34 -26.00
CA THR C 271 -18.24 8.52 -27.45
C THR C 271 -19.63 8.79 -27.99
N LYS C 272 -20.68 8.46 -27.23
CA LYS C 272 -22.03 8.76 -27.66
C LYS C 272 -22.52 10.10 -27.11
N ASP C 273 -22.16 10.41 -25.86
CA ASP C 273 -22.53 11.70 -25.29
C ASP C 273 -21.80 12.85 -25.98
N LEU C 274 -20.55 12.61 -26.39
CA LEU C 274 -19.79 13.66 -27.07
C LEU C 274 -20.42 14.02 -28.40
N ASP C 275 -20.91 13.03 -29.15
CA ASP C 275 -21.53 13.30 -30.43
C ASP C 275 -22.78 14.17 -30.27
N ASP C 276 -23.61 13.86 -29.27
CA ASP C 276 -24.79 14.67 -29.02
C ASP C 276 -24.41 16.09 -28.60
N SER C 277 -23.39 16.23 -27.77
CA SER C 277 -22.94 17.56 -27.35
C SER C 277 -22.39 18.35 -28.52
N PHE C 278 -21.58 17.71 -29.37
CA PHE C 278 -20.98 18.42 -30.49
C PHE C 278 -22.02 18.77 -31.55
N ASP C 279 -22.93 17.84 -31.84
CA ASP C 279 -23.97 18.11 -32.83
C ASP C 279 -24.90 19.23 -32.37
N TYR C 280 -25.27 19.25 -31.09
CA TYR C 280 -26.11 20.32 -30.58
C TYR C 280 -25.38 21.65 -30.55
N LEU C 281 -24.07 21.63 -30.27
CA LEU C 281 -23.31 22.88 -30.20
C LEU C 281 -23.24 23.56 -31.56
N VAL C 282 -23.00 22.80 -32.63
CA VAL C 282 -22.85 23.39 -33.95
C VAL C 282 -24.19 23.79 -34.56
N GLU C 283 -25.31 23.31 -34.01
CA GLU C 283 -26.61 23.63 -34.57
C GLU C 283 -27.05 25.04 -34.18
N ARG C 284 -27.32 25.25 -32.90
CA ARG C 284 -27.76 26.55 -32.39
C ARG C 284 -26.77 27.18 -31.43
N CYS C 285 -26.37 26.44 -30.39
CA CYS C 285 -25.46 26.98 -29.39
C CYS C 285 -24.43 25.94 -28.97
#